data_4JKI
#
_entry.id   4JKI
#
_cell.length_a   162.373
_cell.length_b   162.373
_cell.length_c   258.074
_cell.angle_alpha   90.00
_cell.angle_beta   90.00
_cell.angle_gamma   120.00
#
_symmetry.space_group_name_H-M   'H 3 2'
#
loop_
_entity.id
_entity.type
_entity.pdbx_description
1 polymer 'Formate--tetrahydrofolate ligase'
2 non-polymer 2,7-dimethyl-6-[(prop-1-yn-1-ylamino)methyl]quinazolin-4(3H)-one
3 non-polymer 'formyl phosphate'
4 non-polymer "ADENOSINE-5'-DIPHOSPHATE"
5 non-polymer 'SULFATE ION'
6 water water
#
_entity_poly.entity_id   1
_entity_poly.type   'polypeptide(L)'
_entity_poly.pdbx_seq_one_letter_code
;MSKVPSDIEIAQAAKMKPVMELARGLGIQEDEVELYGKYKAKISLDVYRRLKDKPDGKLILVTAITPTPAGEGKTTTSVG
LTDALARLGKRVMVCLREPSLGPSFGIKGGAAGGGYAQVVPMEDINLHFTGDIHAVTYAHNLLAAMVDNHLQQGNVLNID
PRTITWRRVIDLNDRALRNIVIGLGGKANGVPRETGFDISVASEVMACLCLASDLMDLKERFSRIVVGYTYDGKPVTAGD
LEAQGSMALLMKDAIKPNLVQTLENTPAFIHGGPFANIAHGCNSIIATKTALKLADYVVTEAGFGADLGAEKFYDVKCRY
AGFKPDATVIVATVRALKMHGGVPKSDLATENLEALREGFANLEKHIENIGKFGVPAVVAINAFPTDTEAELNLLYELCA
KAGAEVALSEVWAKGGEGGLELARKVLQTLESRPSNFHVLYNLDLSIKDKIAKIATEIYGADGVNYTAEADKAIQRYESL
GYGNLPVVMAKTQYSFSDDMTKLGRPRNFTITVREVRLSAGAGFIVPITGAIMTMPGLPKRPAACNIDIDADGVITGLF
;
_entity_poly.pdbx_strand_id   A,B
#
loop_
_chem_comp.id
_chem_comp.type
_chem_comp.name
_chem_comp.formula
ADP non-polymer ADENOSINE-5'-DIPHOSPHATE 'C10 H15 N5 O10 P2'
SO4 non-polymer 'SULFATE ION' 'O4 S -2'
XPO non-polymer 'formyl phosphate' 'C H3 O5 P'
ZD9 non-polymer 2,7-dimethyl-6-[(prop-1-yn-1-ylamino)methyl]quinazolin-4(3H)-one 'C14 H15 N3 O'
#
# COMPACT_ATOMS: atom_id res chain seq x y z
N LYS A 3 26.75 28.58 3.90
CA LYS A 3 25.80 28.35 5.04
C LYS A 3 24.85 27.17 4.79
N VAL A 4 23.92 27.34 3.83
CA VAL A 4 22.70 26.48 3.67
C VAL A 4 23.03 25.01 3.94
N PRO A 5 22.44 24.41 5.00
CA PRO A 5 22.57 22.97 5.32
C PRO A 5 22.14 22.04 4.19
N SER A 6 22.09 20.73 4.44
CA SER A 6 21.48 19.79 3.51
C SER A 6 19.98 19.92 3.68
N ASP A 7 19.18 19.41 2.71
CA ASP A 7 17.70 19.43 2.79
C ASP A 7 17.18 18.71 4.03
N ILE A 8 17.69 17.51 4.27
CA ILE A 8 17.22 16.67 5.39
C ILE A 8 17.65 17.22 6.77
N GLU A 9 18.81 17.84 6.82
CA GLU A 9 19.25 18.53 8.03
C GLU A 9 18.26 19.64 8.40
N ILE A 10 17.72 20.30 7.38
CA ILE A 10 16.73 21.37 7.54
C ILE A 10 15.34 20.84 7.93
N ALA A 11 14.90 19.79 7.27
CA ALA A 11 13.58 19.26 7.58
C ALA A 11 13.47 18.93 9.07
N GLN A 12 14.51 18.31 9.64
CA GLN A 12 14.51 17.85 11.06
C GLN A 12 14.70 18.97 12.10
N ALA A 13 15.52 19.96 11.76
CA ALA A 13 15.69 21.16 12.60
C ALA A 13 14.45 22.09 12.74
N ALA A 14 13.44 21.92 11.88
CA ALA A 14 12.24 22.78 11.86
C ALA A 14 11.12 22.32 12.79
N LYS A 15 10.55 23.25 13.55
CA LYS A 15 9.54 22.91 14.54
C LYS A 15 8.21 22.96 13.82
N MET A 16 7.54 21.83 13.71
CA MET A 16 6.21 21.72 13.11
C MET A 16 5.16 22.00 14.17
N LYS A 17 4.09 22.68 13.78
CA LYS A 17 2.94 22.91 14.66
C LYS A 17 1.99 21.75 14.50
N PRO A 18 1.34 21.30 15.56
CA PRO A 18 0.29 20.29 15.35
C PRO A 18 -0.67 20.72 14.24
N VAL A 19 -1.09 19.81 13.39
CA VAL A 19 -1.91 20.26 12.26
C VAL A 19 -3.28 20.63 12.69
N MET A 20 -3.70 20.17 13.87
CA MET A 20 -5.07 20.47 14.30
C MET A 20 -5.17 21.97 14.54
N GLU A 21 -4.14 22.57 15.12
CA GLU A 21 -4.12 24.01 15.31
C GLU A 21 -4.37 24.69 13.99
N LEU A 22 -3.53 24.31 13.01
CA LEU A 22 -3.58 24.88 11.66
C LEU A 22 -4.94 24.70 11.06
N ALA A 23 -5.54 23.53 11.31
CA ALA A 23 -6.89 23.26 10.84
C ALA A 23 -7.84 24.28 11.41
N ARG A 24 -7.69 24.54 12.70
CA ARG A 24 -8.61 25.45 13.37
C ARG A 24 -8.35 26.85 12.89
N GLY A 25 -7.09 27.20 12.74
CA GLY A 25 -6.75 28.51 12.18
C GLY A 25 -7.42 28.78 10.86
N LEU A 26 -7.85 27.72 10.18
CA LEU A 26 -8.39 27.83 8.85
C LEU A 26 -9.90 27.78 8.86
N GLY A 27 -10.49 27.58 10.03
CA GLY A 27 -11.93 27.49 10.16
C GLY A 27 -12.45 26.08 9.97
N ILE A 28 -11.58 25.10 10.17
CA ILE A 28 -11.95 23.70 10.07
C ILE A 28 -12.29 23.17 11.46
N GLN A 29 -13.45 22.50 11.52
CA GLN A 29 -13.99 21.95 12.74
C GLN A 29 -13.30 20.65 13.10
N GLU A 30 -13.09 20.44 14.40
CA GLU A 30 -12.52 19.21 14.90
C GLU A 30 -13.10 17.95 14.22
N ASP A 31 -14.42 17.95 13.93
CA ASP A 31 -15.12 16.77 13.40
C ASP A 31 -14.98 16.61 11.87
N GLU A 32 -14.08 17.42 11.30
CA GLU A 32 -13.79 17.36 9.90
C GLU A 32 -12.33 16.90 9.69
N VAL A 33 -11.54 16.93 10.76
CA VAL A 33 -10.14 16.50 10.76
C VAL A 33 -9.99 15.06 11.28
N GLU A 34 -9.00 14.36 10.74
CA GLU A 34 -8.73 12.96 11.03
C GLU A 34 -7.22 12.87 11.03
N LEU A 35 -6.61 12.79 12.21
CA LEU A 35 -5.15 12.84 12.34
C LEU A 35 -4.50 11.53 11.86
N TYR A 36 -3.30 11.67 11.30
CA TYR A 36 -2.35 10.56 11.05
C TYR A 36 -1.05 10.95 11.77
N GLY A 37 -1.05 10.78 13.09
CA GLY A 37 -0.05 11.43 13.94
C GLY A 37 -0.45 12.88 14.16
N LYS A 38 0.39 13.63 14.85
CA LYS A 38 0.05 15.02 15.09
C LYS A 38 0.51 16.01 13.99
N TYR A 39 1.19 15.52 12.95
CA TYR A 39 1.66 16.38 11.84
C TYR A 39 1.09 16.10 10.45
N LYS A 40 0.07 15.24 10.37
CA LYS A 40 -0.68 15.02 9.13
C LYS A 40 -2.14 14.80 9.41
N ALA A 41 -2.98 15.15 8.46
CA ALA A 41 -4.38 15.01 8.63
C ALA A 41 -5.08 15.00 7.31
N LYS A 42 -6.23 14.33 7.30
CA LYS A 42 -7.12 14.31 6.20
C LYS A 42 -8.33 15.19 6.57
N ILE A 43 -8.71 16.06 5.65
CA ILE A 43 -9.83 16.98 5.82
C ILE A 43 -11.11 16.46 5.14
N SER A 44 -12.25 16.59 5.78
CA SER A 44 -13.52 16.18 5.20
C SER A 44 -13.90 16.95 3.92
N LEU A 45 -14.50 16.24 2.97
CA LEU A 45 -15.16 16.88 1.85
C LEU A 45 -16.37 17.74 2.22
N ASP A 46 -16.94 17.53 3.42
CA ASP A 46 -18.02 18.39 3.92
C ASP A 46 -17.59 19.84 4.20
N VAL A 47 -16.27 20.07 4.26
CA VAL A 47 -15.77 21.44 4.42
C VAL A 47 -16.10 22.24 3.17
N TYR A 48 -15.83 21.65 2.04
CA TYR A 48 -16.10 22.32 0.81
C TYR A 48 -17.62 22.52 0.71
N ARG A 49 -18.36 21.47 1.07
CA ARG A 49 -19.80 21.53 0.96
C ARG A 49 -20.39 22.68 1.79
N ARG A 50 -19.95 22.87 3.04
CA ARG A 50 -20.59 23.97 3.78
C ARG A 50 -20.07 25.34 3.35
N LEU A 51 -18.92 25.38 2.67
CA LEU A 51 -18.35 26.63 2.19
C LEU A 51 -18.59 26.86 0.70
N LYS A 52 -19.41 26.01 0.08
CA LYS A 52 -19.75 26.09 -1.34
C LYS A 52 -20.18 27.47 -1.79
N ASP A 53 -20.81 28.24 -0.91
CA ASP A 53 -21.28 29.57 -1.31
C ASP A 53 -20.35 30.74 -1.00
N LYS A 54 -19.34 30.54 -0.14
CA LYS A 54 -18.27 31.56 0.03
C LYS A 54 -17.57 31.87 -1.29
N PRO A 55 -17.06 33.09 -1.43
CA PRO A 55 -16.29 33.38 -2.63
C PRO A 55 -14.92 32.71 -2.59
N ASP A 56 -14.29 32.57 -3.75
CA ASP A 56 -13.01 31.93 -3.84
C ASP A 56 -11.87 32.94 -3.57
N GLY A 57 -10.78 32.47 -3.00
CA GLY A 57 -9.55 33.23 -2.95
C GLY A 57 -9.00 33.44 -4.33
N LYS A 58 -7.86 34.11 -4.40
CA LYS A 58 -7.13 34.21 -5.64
C LYS A 58 -6.37 32.91 -5.89
N LEU A 59 -6.20 32.55 -7.16
CA LEU A 59 -5.56 31.33 -7.62
C LEU A 59 -4.35 31.68 -8.49
N ILE A 60 -3.22 31.07 -8.16
CA ILE A 60 -1.90 31.49 -8.62
C ILE A 60 -1.15 30.27 -9.03
N LEU A 61 -0.83 30.15 -10.29
CA LEU A 61 -0.21 28.94 -10.80
C LEU A 61 1.31 29.15 -10.98
N VAL A 62 2.08 28.15 -10.61
CA VAL A 62 3.52 28.28 -10.71
C VAL A 62 3.93 27.30 -11.75
N THR A 63 4.51 27.81 -12.83
CA THR A 63 4.99 26.96 -13.93
C THR A 63 6.46 27.28 -14.20
N ALA A 64 6.99 26.79 -15.29
CA ALA A 64 8.39 27.06 -15.67
C ALA A 64 8.68 26.99 -17.16
N ILE A 65 9.90 27.40 -17.50
CA ILE A 65 10.43 27.24 -18.86
C ILE A 65 10.70 25.77 -19.20
N THR A 66 11.15 25.51 -20.41
CA THR A 66 11.46 24.16 -20.82
C THR A 66 12.52 23.51 -19.92
N PRO A 67 12.19 22.37 -19.29
CA PRO A 67 13.09 21.61 -18.45
C PRO A 67 14.36 21.15 -19.09
N THR A 68 15.35 20.92 -18.24
CA THR A 68 16.63 20.34 -18.63
C THR A 68 17.00 19.33 -17.57
N PRO A 69 18.06 18.54 -17.82
CA PRO A 69 18.70 17.90 -16.67
C PRO A 69 19.10 18.96 -15.60
N ALA A 70 19.68 20.07 -16.05
CA ALA A 70 20.26 21.10 -15.18
C ALA A 70 19.29 21.83 -14.23
N GLY A 71 18.06 21.35 -14.06
CA GLY A 71 17.14 21.87 -13.01
C GLY A 71 16.51 23.25 -13.26
N GLU A 72 15.34 23.47 -12.64
CA GLU A 72 14.53 24.69 -12.87
C GLU A 72 14.22 25.40 -11.55
N GLY A 73 13.29 24.85 -10.75
CA GLY A 73 13.10 25.31 -9.39
C GLY A 73 11.69 25.61 -8.97
N LYS A 74 10.75 24.84 -9.51
CA LYS A 74 9.34 25.21 -9.49
C LYS A 74 8.62 24.89 -8.15
N THR A 75 8.85 23.75 -7.55
CA THR A 75 8.21 23.44 -6.29
C THR A 75 8.76 24.36 -5.20
N THR A 76 10.08 24.55 -5.29
CA THR A 76 10.80 25.37 -4.36
C THR A 76 10.24 26.79 -4.42
N THR A 77 9.87 27.24 -5.60
CA THR A 77 9.28 28.56 -5.77
C THR A 77 7.87 28.61 -5.22
N SER A 78 7.12 27.59 -5.56
CA SER A 78 5.75 27.47 -5.11
C SER A 78 5.70 27.60 -3.61
N VAL A 79 6.59 26.91 -2.90
CA VAL A 79 6.55 26.92 -1.44
C VAL A 79 7.02 28.27 -0.87
N GLY A 80 8.16 28.77 -1.36
CA GLY A 80 8.70 30.07 -0.99
C GLY A 80 7.80 31.23 -1.26
N LEU A 81 7.16 31.26 -2.41
CA LEU A 81 6.12 32.24 -2.67
C LEU A 81 5.07 32.19 -1.57
N THR A 82 4.53 31.00 -1.33
CA THR A 82 3.56 30.82 -0.25
C THR A 82 4.03 31.41 1.06
N ASP A 83 5.24 31.05 1.50
CA ASP A 83 5.75 31.51 2.76
C ASP A 83 5.95 33.03 2.78
N ALA A 84 6.32 33.64 1.67
CA ALA A 84 6.45 35.12 1.67
C ALA A 84 5.05 35.75 1.90
N LEU A 85 4.05 35.24 1.18
CA LEU A 85 2.73 35.76 1.30
C LEU A 85 2.24 35.68 2.76
N ALA A 86 2.64 34.63 3.46
CA ALA A 86 2.24 34.46 4.85
C ALA A 86 2.88 35.50 5.73
N ARG A 87 4.14 35.78 5.44
CA ARG A 87 4.85 36.86 6.11
C ARG A 87 4.21 38.22 5.88
N LEU A 88 3.77 38.45 4.66
CA LEU A 88 3.08 39.69 4.32
C LEU A 88 1.66 39.76 4.92
N GLY A 89 1.31 38.78 5.75
CA GLY A 89 0.09 38.82 6.54
C GLY A 89 -1.14 38.20 5.89
N LYS A 90 -0.94 37.62 4.70
CA LYS A 90 -2.04 37.07 3.91
C LYS A 90 -2.46 35.67 4.40
N ARG A 91 -3.73 35.34 4.21
CA ARG A 91 -4.25 34.02 4.50
C ARG A 91 -4.03 33.19 3.22
N VAL A 92 -3.04 32.27 3.26
CA VAL A 92 -2.57 31.62 2.05
C VAL A 92 -2.41 30.13 2.26
N MET A 93 -2.63 29.35 1.21
CA MET A 93 -2.32 27.91 1.23
C MET A 93 -1.60 27.53 -0.04
N VAL A 94 -0.83 26.47 0.03
CA VAL A 94 -0.17 25.92 -1.15
C VAL A 94 -0.75 24.57 -1.35
N CYS A 95 -0.98 24.18 -2.59
CA CYS A 95 -1.35 22.79 -2.91
C CYS A 95 -0.30 22.13 -3.83
N LEU A 96 0.11 20.92 -3.48
CA LEU A 96 1.12 20.21 -4.26
C LEU A 96 0.79 18.74 -4.44
N ARG A 97 1.60 18.11 -5.28
CA ARG A 97 1.39 16.73 -5.61
C ARG A 97 2.22 15.90 -4.67
N GLU A 98 1.70 14.73 -4.33
CA GLU A 98 2.47 13.72 -3.62
C GLU A 98 3.34 12.99 -4.63
N PRO A 99 4.64 12.87 -4.31
CA PRO A 99 5.61 12.18 -5.19
C PRO A 99 5.46 10.67 -5.16
N SER A 100 5.99 10.01 -6.16
CA SER A 100 5.87 8.58 -6.22
C SER A 100 6.88 8.06 -5.21
N LEU A 101 6.66 6.84 -4.73
CA LEU A 101 7.62 6.16 -3.89
C LEU A 101 8.90 5.79 -4.67
N GLY A 102 8.71 5.37 -5.92
CA GLY A 102 9.76 4.79 -6.75
C GLY A 102 11.11 5.46 -6.77
N PRO A 103 11.18 6.72 -7.25
CA PRO A 103 12.46 7.45 -7.25
C PRO A 103 13.30 7.24 -6.00
N SER A 104 12.72 7.39 -4.81
CA SER A 104 13.49 7.26 -3.56
C SER A 104 14.48 6.07 -3.59
N PHE A 105 14.16 5.00 -4.34
CA PHE A 105 14.99 3.78 -4.37
C PHE A 105 15.83 3.60 -5.59
N GLY A 106 15.60 4.40 -6.62
CA GLY A 106 16.46 4.42 -7.80
C GLY A 106 17.44 5.58 -7.77
N ILE A 107 16.97 6.76 -8.14
CA ILE A 107 17.85 7.87 -8.47
C ILE A 107 18.12 8.66 -7.21
N LYS A 108 17.07 9.22 -6.59
CA LYS A 108 17.21 9.93 -5.31
C LYS A 108 15.84 10.28 -4.72
N GLY A 109 15.79 10.36 -3.39
CA GLY A 109 14.66 10.94 -2.67
C GLY A 109 14.75 12.46 -2.78
N GLY A 110 13.72 13.08 -3.34
CA GLY A 110 13.71 14.53 -3.54
C GLY A 110 12.75 15.16 -2.56
N ALA A 111 13.27 15.97 -1.64
CA ALA A 111 12.45 16.81 -0.76
C ALA A 111 11.31 17.49 -1.54
N ALA A 112 10.18 17.73 -0.87
CA ALA A 112 9.04 18.40 -1.52
C ALA A 112 9.36 19.88 -1.48
N GLY A 113 10.19 20.29 -2.46
CA GLY A 113 10.84 21.59 -2.45
C GLY A 113 12.33 21.41 -2.23
N GLY A 114 12.87 22.12 -1.26
CA GLY A 114 14.30 22.11 -1.07
C GLY A 114 14.76 23.29 -0.26
N GLY A 115 15.96 23.17 0.28
CA GLY A 115 16.52 24.14 1.20
C GLY A 115 15.46 24.57 2.19
N TYR A 116 15.28 25.88 2.27
CA TYR A 116 14.39 26.48 3.23
C TYR A 116 12.99 26.75 2.66
N ALA A 117 12.66 25.98 1.63
CA ALA A 117 11.37 26.05 0.97
C ALA A 117 10.82 24.61 0.82
N GLN A 118 10.34 24.08 1.94
CA GLN A 118 9.92 22.69 2.01
C GLN A 118 8.59 22.51 2.67
N VAL A 119 7.85 21.48 2.27
CA VAL A 119 6.65 21.04 2.94
C VAL A 119 7.07 19.85 3.75
N VAL A 120 6.45 19.67 4.92
CA VAL A 120 6.87 18.63 5.86
C VAL A 120 5.70 18.03 6.62
N PRO A 121 5.89 16.82 7.19
CA PRO A 121 7.13 16.02 7.37
C PRO A 121 7.72 15.35 6.12
N MET A 122 9.01 15.60 5.86
CA MET A 122 9.69 15.12 4.62
C MET A 122 9.71 13.59 4.44
N GLU A 123 10.22 12.86 5.42
CA GLU A 123 10.30 11.39 5.37
C GLU A 123 8.97 10.73 5.01
N ASP A 124 7.86 11.24 5.52
CA ASP A 124 6.56 10.55 5.36
C ASP A 124 5.98 10.81 3.98
N ILE A 125 6.10 12.04 3.50
CA ILE A 125 5.61 12.40 2.18
C ILE A 125 6.29 11.54 1.10
N ASN A 126 7.59 11.30 1.26
CA ASN A 126 8.32 10.49 0.31
C ASN A 126 8.01 9.02 0.45
N LEU A 127 7.73 8.55 1.64
CA LEU A 127 7.43 7.14 1.80
C LEU A 127 5.92 6.88 1.63
N HIS A 128 5.26 6.29 2.62
CA HIS A 128 3.88 5.87 2.45
C HIS A 128 2.84 7.00 2.62
N PHE A 129 3.26 8.14 3.18
CA PHE A 129 2.42 9.29 3.55
C PHE A 129 1.14 8.84 4.26
N THR A 130 -0.04 9.14 3.74
CA THR A 130 -1.27 8.62 4.32
C THR A 130 -1.84 7.45 3.53
N GLY A 131 -1.01 6.78 2.71
CA GLY A 131 -1.43 5.62 1.84
C GLY A 131 -2.31 5.83 0.59
N ASP A 132 -2.40 7.07 0.12
CA ASP A 132 -3.19 7.37 -1.10
C ASP A 132 -2.71 6.57 -2.32
N ILE A 133 -1.40 6.48 -2.52
CA ILE A 133 -0.89 5.80 -3.69
C ILE A 133 -1.11 4.27 -3.58
N HIS A 134 -1.21 3.75 -2.37
CA HIS A 134 -1.47 2.32 -2.21
C HIS A 134 -2.88 1.96 -2.54
N ALA A 135 -3.78 2.88 -2.28
CA ALA A 135 -5.14 2.66 -2.58
C ALA A 135 -5.36 2.75 -4.08
N VAL A 136 -4.72 3.70 -4.73
CA VAL A 136 -4.82 3.82 -6.19
C VAL A 136 -4.34 2.50 -6.80
N THR A 137 -3.21 2.01 -6.28
CA THR A 137 -2.65 0.75 -6.77
C THR A 137 -3.63 -0.40 -6.57
N TYR A 138 -4.26 -0.49 -5.41
CA TYR A 138 -5.18 -1.60 -5.16
C TYR A 138 -6.47 -1.49 -5.97
N ALA A 139 -6.97 -0.31 -6.25
CA ALA A 139 -8.18 -0.24 -7.05
C ALA A 139 -7.90 -0.66 -8.51
N HIS A 140 -6.73 -0.24 -9.03
CA HIS A 140 -6.37 -0.46 -10.42
C HIS A 140 -6.24 -1.95 -10.62
N ASN A 141 -5.44 -2.59 -9.78
CA ASN A 141 -5.15 -4.01 -9.90
C ASN A 141 -6.35 -4.84 -9.51
N LEU A 142 -7.28 -4.32 -8.73
CA LEU A 142 -8.48 -5.09 -8.44
C LEU A 142 -9.26 -5.19 -9.73
N LEU A 143 -9.40 -4.08 -10.43
CA LEU A 143 -10.12 -4.06 -11.68
C LEU A 143 -9.50 -5.01 -12.68
N ALA A 144 -8.18 -5.09 -12.69
CA ALA A 144 -7.51 -5.94 -13.66
C ALA A 144 -7.75 -7.39 -13.28
N ALA A 145 -7.85 -7.66 -11.96
CA ALA A 145 -8.07 -9.03 -11.47
C ALA A 145 -9.46 -9.44 -11.86
N MET A 146 -10.37 -8.47 -11.78
CA MET A 146 -11.76 -8.63 -12.19
C MET A 146 -11.89 -8.87 -13.70
N VAL A 147 -11.05 -8.22 -14.52
CA VAL A 147 -11.00 -8.53 -15.97
C VAL A 147 -10.58 -9.95 -16.29
N ASP A 148 -9.44 -10.37 -15.75
CA ASP A 148 -8.94 -11.69 -16.03
C ASP A 148 -9.93 -12.74 -15.51
N ASN A 149 -10.48 -12.54 -14.31
CA ASN A 149 -11.47 -13.47 -13.78
C ASN A 149 -12.68 -13.58 -14.75
N HIS A 150 -13.15 -12.44 -15.24
CA HIS A 150 -14.24 -12.48 -16.16
C HIS A 150 -13.93 -13.36 -17.37
N LEU A 151 -12.67 -13.41 -17.82
CA LEU A 151 -12.31 -14.32 -18.95
C LEU A 151 -12.44 -15.75 -18.49
N GLN A 152 -11.77 -16.06 -17.39
CA GLN A 152 -11.86 -17.39 -16.78
C GLN A 152 -13.28 -17.90 -16.55
N GLN A 153 -14.27 -17.06 -16.37
CA GLN A 153 -15.56 -17.58 -15.92
C GLN A 153 -16.57 -17.78 -17.02
N GLY A 154 -16.12 -17.83 -18.26
CA GLY A 154 -16.99 -18.03 -19.38
C GLY A 154 -17.03 -16.86 -20.34
N ASN A 155 -16.25 -15.82 -20.07
CA ASN A 155 -16.14 -14.65 -20.93
C ASN A 155 -17.46 -14.21 -21.56
N VAL A 156 -18.44 -13.97 -20.72
CA VAL A 156 -19.79 -13.64 -21.11
C VAL A 156 -19.89 -12.37 -21.97
N LEU A 157 -19.04 -11.39 -21.68
CA LEU A 157 -19.06 -10.14 -22.44
C LEU A 157 -18.34 -10.27 -23.79
N ASN A 158 -17.64 -11.39 -23.99
CA ASN A 158 -16.91 -11.68 -25.22
C ASN A 158 -15.79 -10.67 -25.48
N ILE A 159 -14.97 -10.46 -24.47
CA ILE A 159 -13.81 -9.61 -24.57
C ILE A 159 -12.76 -10.40 -25.33
N ASP A 160 -12.07 -9.77 -26.26
CA ASP A 160 -10.92 -10.40 -26.96
C ASP A 160 -9.69 -10.08 -26.12
N PRO A 161 -9.11 -11.09 -25.42
CA PRO A 161 -8.03 -10.84 -24.49
C PRO A 161 -6.94 -10.01 -25.04
N ARG A 162 -6.82 -10.03 -26.36
CA ARG A 162 -5.66 -9.52 -27.06
C ARG A 162 -5.80 -8.07 -27.32
N THR A 163 -6.98 -7.50 -27.04
CA THR A 163 -7.25 -6.08 -27.24
C THR A 163 -7.32 -5.30 -25.91
N ILE A 164 -7.04 -5.99 -24.81
CA ILE A 164 -7.13 -5.40 -23.50
C ILE A 164 -6.09 -4.28 -23.33
N THR A 165 -6.62 -3.09 -22.98
CA THR A 165 -5.84 -1.88 -22.78
C THR A 165 -5.51 -1.63 -21.29
N TRP A 166 -6.31 -2.21 -20.40
CA TRP A 166 -6.09 -2.01 -18.98
C TRP A 166 -4.95 -2.85 -18.46
N ARG A 167 -3.84 -2.18 -18.11
CA ARG A 167 -2.64 -2.89 -17.66
C ARG A 167 -2.72 -2.98 -16.14
N ARG A 168 -1.60 -3.27 -15.48
CA ARG A 168 -1.53 -3.29 -14.02
C ARG A 168 -0.52 -2.27 -13.53
N VAL A 169 -0.40 -2.11 -12.21
CA VAL A 169 0.45 -1.04 -11.67
C VAL A 169 1.24 -1.44 -10.42
N ILE A 170 2.39 -0.80 -10.27
CA ILE A 170 3.13 -0.89 -9.04
C ILE A 170 4.03 0.33 -8.89
N ASP A 171 4.26 0.80 -7.68
CA ASP A 171 4.89 2.12 -7.50
C ASP A 171 6.37 2.04 -7.23
N LEU A 172 7.01 1.15 -8.00
CA LEU A 172 8.43 0.90 -8.00
C LEU A 172 8.86 0.87 -9.44
N ASN A 173 10.12 1.25 -9.67
CA ASN A 173 10.69 1.32 -11.03
C ASN A 173 11.19 -0.06 -11.49
N ASP A 174 10.33 -0.88 -12.05
CA ASP A 174 10.68 -2.25 -12.36
C ASP A 174 10.60 -2.54 -13.89
N ARG A 175 11.73 -2.47 -14.59
CA ARG A 175 11.74 -2.64 -16.08
C ARG A 175 11.22 -4.00 -16.52
N ALA A 176 11.53 -5.05 -15.76
CA ALA A 176 11.16 -6.43 -16.08
C ALA A 176 9.68 -6.71 -16.21
N LEU A 177 8.84 -5.81 -15.71
CA LEU A 177 7.40 -6.02 -15.75
C LEU A 177 6.71 -5.27 -16.87
N ARG A 178 7.46 -4.51 -17.66
CA ARG A 178 6.86 -3.71 -18.72
C ARG A 178 6.13 -4.59 -19.71
N ASN A 179 6.78 -5.66 -20.14
CA ASN A 179 6.18 -6.64 -21.06
C ASN A 179 6.15 -8.04 -20.46
N ILE A 180 4.96 -8.54 -20.16
CA ILE A 180 4.84 -9.84 -19.57
C ILE A 180 3.80 -10.71 -20.26
N VAL A 181 3.80 -11.99 -19.96
CA VAL A 181 2.70 -12.85 -20.39
C VAL A 181 2.14 -13.46 -19.11
N ILE A 182 0.82 -13.42 -18.94
CA ILE A 182 0.20 -13.97 -17.73
C ILE A 182 -0.81 -15.06 -18.12
N GLY A 183 -1.50 -15.63 -17.15
CA GLY A 183 -2.56 -16.61 -17.43
C GLY A 183 -2.10 -18.02 -17.77
N LEU A 184 -0.90 -18.40 -17.33
CA LEU A 184 -0.29 -19.63 -17.77
C LEU A 184 -0.43 -20.71 -16.75
N GLY A 185 -0.24 -21.97 -17.15
CA GLY A 185 -0.30 -23.08 -16.17
C GLY A 185 -1.42 -24.10 -16.35
N GLY A 186 -2.37 -23.83 -17.23
CA GLY A 186 -3.39 -24.81 -17.54
C GLY A 186 -4.70 -24.15 -17.50
N LYS A 187 -5.79 -24.90 -17.73
CA LYS A 187 -7.14 -24.30 -17.64
C LYS A 187 -7.56 -23.88 -16.26
N ALA A 188 -6.80 -24.19 -15.24
CA ALA A 188 -7.23 -23.75 -13.90
C ALA A 188 -6.66 -22.38 -13.49
N ASN A 189 -5.84 -21.79 -14.37
CA ASN A 189 -5.01 -20.65 -13.98
C ASN A 189 -5.11 -19.41 -14.76
N GLY A 190 -6.24 -19.24 -15.45
CA GLY A 190 -6.50 -18.07 -16.26
C GLY A 190 -6.36 -18.33 -17.75
N VAL A 191 -6.37 -17.23 -18.49
CA VAL A 191 -6.41 -17.26 -19.94
C VAL A 191 -5.13 -16.54 -20.34
N PRO A 192 -4.21 -17.28 -21.02
CA PRO A 192 -2.90 -16.68 -21.31
C PRO A 192 -3.05 -15.41 -22.12
N ARG A 193 -2.33 -14.37 -21.73
CA ARG A 193 -2.26 -13.20 -22.56
C ARG A 193 -1.11 -12.26 -22.30
N GLU A 194 -0.73 -11.52 -23.33
CA GLU A 194 0.29 -10.48 -23.19
C GLU A 194 -0.22 -9.21 -22.45
N THR A 195 0.57 -8.72 -21.52
CA THR A 195 0.24 -7.48 -20.85
C THR A 195 1.45 -6.96 -20.11
N GLY A 196 1.25 -6.09 -19.10
CA GLY A 196 2.37 -5.39 -18.47
C GLY A 196 1.99 -4.54 -17.29
N PHE A 197 3.01 -3.97 -16.62
CA PHE A 197 2.80 -3.02 -15.50
C PHE A 197 3.29 -1.64 -15.86
N ASP A 198 2.62 -0.65 -15.31
CA ASP A 198 3.04 0.73 -15.36
C ASP A 198 3.19 1.24 -13.93
N ILE A 199 4.03 2.26 -13.79
CA ILE A 199 4.25 2.88 -12.50
C ILE A 199 2.90 3.43 -12.02
N SER A 200 2.58 3.25 -10.73
CA SER A 200 1.24 3.54 -10.20
C SER A 200 0.79 4.96 -10.42
N VAL A 201 1.70 5.91 -10.54
CA VAL A 201 1.25 7.29 -10.67
C VAL A 201 0.78 7.59 -12.08
N ALA A 202 1.07 6.69 -13.00
CA ALA A 202 0.54 6.78 -14.37
C ALA A 202 -0.89 6.26 -14.47
N SER A 203 -1.35 5.55 -13.47
CA SER A 203 -2.66 4.97 -13.50
C SER A 203 -3.77 5.99 -13.80
N GLU A 204 -4.65 5.66 -14.74
CA GLU A 204 -5.87 6.42 -14.93
C GLU A 204 -6.59 6.54 -13.60
N VAL A 205 -6.37 5.60 -12.69
CA VAL A 205 -7.04 5.74 -11.43
C VAL A 205 -6.57 7.01 -10.74
N MET A 206 -5.28 7.30 -10.90
CA MET A 206 -4.67 8.44 -10.28
C MET A 206 -5.22 9.69 -10.94
N ALA A 207 -5.33 9.64 -12.26
CA ALA A 207 -5.84 10.76 -13.02
C ALA A 207 -7.28 11.08 -12.61
N CYS A 208 -8.11 10.05 -12.49
CA CYS A 208 -9.46 10.18 -11.95
C CYS A 208 -9.55 10.72 -10.54
N LEU A 209 -8.63 10.33 -9.67
CA LEU A 209 -8.57 10.91 -8.32
C LEU A 209 -8.32 12.41 -8.41
N CYS A 210 -7.50 12.81 -9.38
CA CYS A 210 -7.05 14.20 -9.46
C CYS A 210 -8.01 15.10 -10.24
N LEU A 211 -9.04 14.52 -10.89
CA LEU A 211 -10.06 15.30 -11.61
C LEU A 211 -11.50 15.08 -11.11
N ALA A 212 -11.65 14.34 -10.01
CA ALA A 212 -13.01 14.07 -9.46
C ALA A 212 -13.50 15.23 -8.62
N SER A 213 -14.81 15.49 -8.70
CA SER A 213 -15.46 16.55 -7.90
C SER A 213 -15.65 16.10 -6.44
N ASP A 214 -15.91 14.81 -6.24
CA ASP A 214 -16.01 14.17 -4.95
C ASP A 214 -16.10 12.64 -5.12
N LEU A 215 -16.49 11.90 -4.09
CA LEU A 215 -16.51 10.45 -4.19
C LEU A 215 -17.51 9.84 -5.20
N MET A 216 -18.73 10.34 -5.21
CA MET A 216 -19.73 9.80 -6.14
C MET A 216 -19.35 10.08 -7.60
N ASP A 217 -18.68 11.20 -7.87
CA ASP A 217 -18.16 11.54 -9.18
C ASP A 217 -16.99 10.63 -9.55
N LEU A 218 -16.08 10.44 -8.59
CA LEU A 218 -14.93 9.52 -8.81
C LEU A 218 -15.46 8.14 -9.13
N LYS A 219 -16.56 7.74 -8.51
CA LYS A 219 -17.18 6.47 -8.85
C LYS A 219 -17.73 6.48 -10.27
N GLU A 220 -18.33 7.57 -10.73
CA GLU A 220 -19.01 7.56 -12.03
C GLU A 220 -17.93 7.41 -13.11
N ARG A 221 -16.87 8.19 -12.98
CA ARG A 221 -15.71 8.13 -13.83
C ARG A 221 -15.20 6.71 -13.93
N PHE A 222 -14.94 6.11 -12.76
CA PHE A 222 -14.48 4.72 -12.72
C PHE A 222 -15.37 3.89 -13.63
N SER A 223 -16.67 4.08 -13.53
CA SER A 223 -17.59 3.23 -14.25
C SER A 223 -17.35 3.33 -15.75
N ARG A 224 -16.94 4.51 -16.20
CA ARG A 224 -16.81 4.79 -17.60
C ARG A 224 -15.50 4.27 -18.18
N ILE A 225 -14.56 3.86 -17.34
CA ILE A 225 -13.25 3.42 -17.80
C ILE A 225 -13.33 2.28 -18.80
N VAL A 226 -12.52 2.35 -19.86
CA VAL A 226 -12.50 1.31 -20.92
C VAL A 226 -11.31 0.36 -20.73
N VAL A 227 -11.61 -0.92 -20.46
CA VAL A 227 -10.59 -1.96 -20.22
C VAL A 227 -10.20 -2.75 -21.49
N GLY A 228 -11.18 -3.04 -22.35
CA GLY A 228 -10.87 -3.64 -23.67
C GLY A 228 -12.05 -3.64 -24.62
N TYR A 229 -11.97 -4.48 -25.65
CA TYR A 229 -13.05 -4.52 -26.69
C TYR A 229 -13.52 -5.95 -26.97
N THR A 230 -14.78 -6.07 -27.38
CA THR A 230 -15.35 -7.37 -27.74
C THR A 230 -14.77 -7.79 -29.05
N TYR A 231 -14.98 -9.05 -29.42
CA TYR A 231 -14.46 -9.55 -30.71
C TYR A 231 -15.03 -8.70 -31.83
N ASP A 232 -16.18 -8.07 -31.59
CA ASP A 232 -16.79 -7.15 -32.55
C ASP A 232 -16.30 -5.71 -32.56
N GLY A 233 -15.42 -5.30 -31.64
CA GLY A 233 -14.99 -3.92 -31.55
C GLY A 233 -15.77 -3.07 -30.55
N LYS A 234 -16.79 -3.61 -29.88
CA LYS A 234 -17.48 -2.84 -28.84
C LYS A 234 -16.61 -2.66 -27.60
N PRO A 235 -16.56 -1.43 -27.04
CA PRO A 235 -15.87 -1.24 -25.76
C PRO A 235 -16.57 -1.92 -24.58
N VAL A 236 -15.73 -2.42 -23.66
CA VAL A 236 -16.16 -3.00 -22.40
C VAL A 236 -15.57 -2.17 -21.25
N THR A 237 -16.46 -1.52 -20.50
CA THR A 237 -16.06 -0.60 -19.44
C THR A 237 -15.96 -1.31 -18.09
N ALA A 238 -15.45 -0.60 -17.10
CA ALA A 238 -15.36 -1.17 -15.75
C ALA A 238 -16.73 -1.23 -15.13
N GLY A 239 -17.59 -0.30 -15.54
CA GLY A 239 -19.02 -0.39 -15.25
C GLY A 239 -19.64 -1.70 -15.73
N ASP A 240 -19.18 -2.21 -16.88
CA ASP A 240 -19.77 -3.41 -17.47
C ASP A 240 -19.47 -4.62 -16.58
N LEU A 241 -18.38 -4.54 -15.81
CA LEU A 241 -17.99 -5.60 -14.87
C LEU A 241 -18.33 -5.21 -13.45
N GLU A 242 -19.16 -4.17 -13.28
CA GLU A 242 -19.62 -3.76 -11.94
C GLU A 242 -18.49 -3.69 -10.93
N ALA A 243 -17.44 -2.98 -11.30
CA ALA A 243 -16.25 -2.81 -10.46
C ALA A 243 -16.24 -1.47 -9.72
N GLN A 244 -17.10 -0.54 -10.14
CA GLN A 244 -16.94 0.86 -9.71
C GLN A 244 -17.22 1.11 -8.22
N GLY A 245 -18.10 0.34 -7.60
CA GLY A 245 -18.39 0.50 -6.18
C GLY A 245 -17.20 0.13 -5.28
N SER A 246 -16.60 -1.00 -5.62
CA SER A 246 -15.45 -1.53 -4.90
C SER A 246 -14.22 -0.64 -5.04
N MET A 247 -14.00 -0.12 -6.25
CA MET A 247 -12.89 0.78 -6.48
C MET A 247 -13.07 2.04 -5.65
N ALA A 248 -14.27 2.56 -5.67
CA ALA A 248 -14.64 3.71 -4.85
C ALA A 248 -14.44 3.42 -3.35
N LEU A 249 -14.92 2.27 -2.90
CA LEU A 249 -14.76 1.91 -1.51
C LEU A 249 -13.28 1.85 -1.13
N LEU A 250 -12.46 1.44 -2.07
CA LEU A 250 -11.01 1.33 -1.83
C LEU A 250 -10.35 2.71 -1.78
N MET A 251 -11.04 3.71 -2.32
CA MET A 251 -10.58 5.10 -2.26
C MET A 251 -11.33 5.96 -1.24
N LYS A 252 -12.00 5.39 -0.24
CA LYS A 252 -12.86 6.23 0.63
C LYS A 252 -12.09 7.23 1.49
N ASP A 253 -10.87 6.87 1.89
CA ASP A 253 -9.99 7.81 2.57
C ASP A 253 -9.07 8.54 1.58
N ALA A 254 -8.83 7.94 0.44
CA ALA A 254 -7.90 8.51 -0.56
C ALA A 254 -8.40 9.79 -1.23
N ILE A 255 -9.71 9.94 -1.31
CA ILE A 255 -10.34 11.14 -1.82
C ILE A 255 -10.13 12.40 -0.95
N LYS A 256 -9.73 12.27 0.31
CA LYS A 256 -9.61 13.45 1.17
C LYS A 256 -8.22 14.06 1.08
N PRO A 257 -8.13 15.36 0.84
CA PRO A 257 -6.82 15.97 0.78
C PRO A 257 -6.10 15.92 2.11
N ASN A 258 -4.79 15.87 2.07
CA ASN A 258 -3.99 15.70 3.25
C ASN A 258 -3.40 17.04 3.71
N LEU A 259 -3.80 17.56 4.87
CA LEU A 259 -3.16 18.78 5.41
C LEU A 259 -1.77 18.56 6.01
N VAL A 260 -0.87 19.46 5.65
CA VAL A 260 0.50 19.51 6.20
C VAL A 260 0.98 20.98 6.19
N GLN A 261 2.27 21.22 6.17
CA GLN A 261 2.75 22.56 6.28
C GLN A 261 4.15 22.72 5.76
N THR A 262 4.55 23.98 5.68
CA THR A 262 5.89 24.40 5.23
C THR A 262 6.84 24.48 6.40
N LEU A 263 8.11 24.74 6.13
CA LEU A 263 9.04 24.94 7.23
C LEU A 263 8.63 26.10 8.12
N GLU A 264 7.79 27.01 7.65
CA GLU A 264 7.40 28.15 8.46
C GLU A 264 5.93 28.01 8.91
N ASN A 265 5.43 26.78 9.05
CA ASN A 265 4.06 26.49 9.49
C ASN A 265 2.90 27.06 8.60
N THR A 266 3.17 27.45 7.36
CA THR A 266 2.07 27.85 6.48
C THR A 266 1.34 26.58 6.02
N PRO A 267 0.01 26.56 6.10
CA PRO A 267 -0.67 25.31 5.90
C PRO A 267 -0.58 24.87 4.47
N ALA A 268 -0.66 23.56 4.23
CA ALA A 268 -0.45 23.05 2.87
C ALA A 268 -1.22 21.80 2.64
N PHE A 269 -1.67 21.60 1.41
CA PHE A 269 -2.32 20.36 1.01
C PHE A 269 -1.43 19.63 0.06
N ILE A 270 -1.13 18.38 0.34
CA ILE A 270 -0.59 17.48 -0.66
C ILE A 270 -1.69 16.49 -0.99
N HIS A 271 -1.93 16.27 -2.28
CA HIS A 271 -3.02 15.40 -2.72
C HIS A 271 -3.00 15.11 -4.25
N GLY A 272 -2.86 13.84 -4.60
CA GLY A 272 -2.88 13.44 -5.98
C GLY A 272 -1.48 13.53 -6.49
N GLY A 273 -1.22 12.90 -7.63
CA GLY A 273 0.14 12.84 -8.16
C GLY A 273 0.37 12.18 -9.51
N PRO A 274 -0.24 12.69 -10.60
CA PRO A 274 -0.19 12.05 -11.90
C PRO A 274 0.98 12.43 -12.81
N PHE A 275 1.06 11.70 -13.92
CA PHE A 275 2.03 11.95 -15.01
C PHE A 275 1.64 13.20 -15.79
N ALA A 276 2.63 14.05 -16.10
CA ALA A 276 2.38 15.27 -16.91
C ALA A 276 2.38 15.10 -18.46
N ASN A 277 2.70 13.90 -18.95
CA ASN A 277 2.69 13.62 -20.40
C ASN A 277 1.43 12.88 -20.87
N ILE A 278 1.19 11.68 -20.33
CA ILE A 278 -0.03 10.92 -20.69
C ILE A 278 -1.21 11.37 -19.83
N ALA A 279 -0.96 12.40 -19.04
CA ALA A 279 -1.96 12.96 -18.19
C ALA A 279 -1.51 14.41 -17.84
N HIS A 280 -2.22 15.02 -16.88
CA HIS A 280 -2.25 16.46 -16.81
C HIS A 280 -1.32 17.09 -15.77
N GLY A 281 -0.74 16.28 -14.89
CA GLY A 281 0.42 16.75 -14.08
C GLY A 281 0.14 17.76 -12.99
N CYS A 282 -0.99 17.58 -12.31
CA CYS A 282 -1.52 18.54 -11.37
C CYS A 282 -1.97 17.85 -10.10
N ASN A 283 -2.06 18.61 -9.00
CA ASN A 283 -2.69 18.06 -7.80
C ASN A 283 -4.18 18.09 -7.93
N SER A 284 -4.87 17.46 -7.01
CA SER A 284 -6.30 17.23 -7.13
C SER A 284 -7.13 18.49 -7.20
N ILE A 285 -8.26 18.42 -7.90
CA ILE A 285 -9.25 19.50 -7.85
C ILE A 285 -9.84 19.62 -6.43
N ILE A 286 -10.16 18.47 -5.85
CA ILE A 286 -10.65 18.46 -4.50
C ILE A 286 -9.79 19.33 -3.57
N ALA A 287 -8.46 19.13 -3.63
CA ALA A 287 -7.54 19.90 -2.80
C ALA A 287 -7.56 21.38 -3.17
N THR A 288 -7.20 21.68 -4.40
CA THR A 288 -7.31 23.07 -4.84
C THR A 288 -8.66 23.77 -4.51
N LYS A 289 -9.80 23.17 -4.83
CA LYS A 289 -11.08 23.89 -4.53
C LYS A 289 -11.38 24.18 -3.04
N THR A 290 -10.89 23.30 -2.16
CA THR A 290 -11.04 23.45 -0.72
C THR A 290 -10.17 24.61 -0.21
N ALA A 291 -8.93 24.66 -0.68
CA ALA A 291 -8.01 25.77 -0.41
C ALA A 291 -8.68 27.08 -0.75
N LEU A 292 -9.25 27.15 -1.94
CA LEU A 292 -9.84 28.38 -2.40
C LEU A 292 -10.97 28.86 -1.50
N LYS A 293 -11.62 27.98 -0.77
CA LYS A 293 -12.60 28.39 0.22
C LYS A 293 -12.00 28.79 1.58
N LEU A 294 -10.85 28.22 1.95
CA LEU A 294 -10.29 28.43 3.25
C LEU A 294 -9.19 29.51 3.26
N ALA A 295 -8.77 30.03 2.11
CA ALA A 295 -7.72 31.06 2.09
C ALA A 295 -8.00 32.10 1.02
N ASP A 296 -7.47 33.30 1.22
CA ASP A 296 -7.65 34.36 0.23
C ASP A 296 -6.69 34.21 -0.93
N TYR A 297 -5.68 33.36 -0.73
CA TYR A 297 -4.64 33.13 -1.72
C TYR A 297 -4.35 31.64 -1.75
N VAL A 298 -4.36 31.06 -2.93
CA VAL A 298 -3.95 29.69 -3.15
C VAL A 298 -2.91 29.60 -4.28
N VAL A 299 -1.78 28.94 -3.95
CA VAL A 299 -0.67 28.71 -4.90
C VAL A 299 -0.65 27.21 -5.17
N THR A 300 -0.61 26.83 -6.44
CA THR A 300 -0.50 25.45 -6.85
C THR A 300 0.39 25.43 -8.07
N GLU A 301 0.72 24.24 -8.57
CA GLU A 301 1.68 24.11 -9.68
C GLU A 301 1.39 22.94 -10.56
N ALA A 302 2.06 22.94 -11.73
CA ALA A 302 1.91 21.85 -12.76
C ALA A 302 3.26 21.29 -13.26
N GLY A 303 3.30 19.98 -13.47
CA GLY A 303 4.48 19.27 -13.99
C GLY A 303 4.98 19.79 -15.33
N PHE A 304 6.30 19.69 -15.49
CA PHE A 304 7.02 19.97 -16.76
C PHE A 304 7.02 21.46 -16.99
N GLY A 305 7.33 21.92 -18.20
CA GLY A 305 7.29 23.35 -18.54
C GLY A 305 5.89 23.76 -18.94
N ALA A 306 5.72 25.05 -19.18
CA ALA A 306 4.39 25.64 -19.36
C ALA A 306 3.67 25.15 -20.61
N ASP A 307 4.40 24.79 -21.66
CA ASP A 307 3.81 24.09 -22.81
C ASP A 307 3.02 22.85 -22.47
N LEU A 308 3.43 22.16 -21.44
CA LEU A 308 2.72 20.97 -21.00
C LEU A 308 1.80 21.16 -19.76
N GLY A 309 2.38 21.41 -18.60
CA GLY A 309 1.59 21.44 -17.38
C GLY A 309 0.61 22.61 -17.37
N ALA A 310 1.11 23.78 -17.68
CA ALA A 310 0.30 24.98 -17.62
C ALA A 310 -0.85 24.82 -18.55
N GLU A 311 -0.51 24.42 -19.79
CA GLU A 311 -1.54 24.20 -20.80
C GLU A 311 -2.59 23.23 -20.34
N LYS A 312 -2.18 22.09 -19.78
CA LYS A 312 -3.14 21.12 -19.21
C LYS A 312 -3.89 21.59 -17.92
N PHE A 313 -3.22 22.36 -17.07
CA PHE A 313 -3.82 22.97 -15.89
C PHE A 313 -5.02 23.81 -16.28
N TYR A 314 -4.78 24.70 -17.24
CA TYR A 314 -5.79 25.54 -17.87
C TYR A 314 -6.84 24.74 -18.67
N ASP A 315 -6.40 23.83 -19.52
CA ASP A 315 -7.30 23.25 -20.55
C ASP A 315 -8.05 22.00 -20.10
N VAL A 316 -7.62 21.44 -18.96
CA VAL A 316 -8.28 20.26 -18.38
C VAL A 316 -8.79 20.51 -16.95
N LYS A 317 -7.86 20.77 -16.06
CA LYS A 317 -8.18 21.02 -14.66
C LYS A 317 -9.14 22.24 -14.53
N CYS A 318 -8.65 23.46 -14.77
CA CYS A 318 -9.49 24.67 -14.66
C CYS A 318 -10.85 24.50 -15.42
N ARG A 319 -10.84 23.87 -16.58
CA ARG A 319 -12.05 23.65 -17.38
C ARG A 319 -13.06 22.82 -16.57
N TYR A 320 -12.65 21.62 -16.16
CA TYR A 320 -13.50 20.75 -15.33
C TYR A 320 -13.94 21.54 -14.08
N ALA A 321 -13.02 22.26 -13.44
CA ALA A 321 -13.34 22.85 -12.11
C ALA A 321 -14.16 24.15 -12.15
N GLY A 322 -14.19 24.86 -13.29
CA GLY A 322 -14.69 26.23 -13.29
C GLY A 322 -13.77 27.20 -12.54
N PHE A 323 -12.47 26.91 -12.47
CA PHE A 323 -11.49 27.83 -11.88
C PHE A 323 -11.08 28.92 -12.87
N LYS A 324 -10.88 30.13 -12.40
CA LYS A 324 -10.29 31.18 -13.21
C LYS A 324 -8.96 31.71 -12.59
N PRO A 325 -7.80 31.23 -13.07
CA PRO A 325 -6.52 31.68 -12.54
C PRO A 325 -6.34 33.18 -12.61
N ASP A 326 -5.88 33.76 -11.51
CA ASP A 326 -5.77 35.20 -11.42
C ASP A 326 -4.39 35.71 -11.80
N ALA A 327 -3.41 34.83 -11.70
CA ALA A 327 -2.02 35.17 -12.05
C ALA A 327 -1.25 33.90 -12.31
N THR A 328 -0.11 34.03 -12.97
CA THR A 328 0.79 32.89 -13.18
C THR A 328 2.22 33.27 -13.10
N VAL A 329 2.99 32.47 -12.36
CA VAL A 329 4.43 32.63 -12.22
C VAL A 329 5.18 31.64 -13.09
N ILE A 330 6.23 32.11 -13.75
CA ILE A 330 7.12 31.28 -14.57
C ILE A 330 8.50 31.28 -13.96
N VAL A 331 9.06 30.11 -13.71
CA VAL A 331 10.38 30.03 -13.09
C VAL A 331 11.44 29.84 -14.16
N ALA A 332 12.47 30.66 -14.12
CA ALA A 332 13.61 30.47 -14.98
C ALA A 332 14.92 30.57 -14.18
N THR A 333 15.97 29.99 -14.74
CA THR A 333 17.31 30.16 -14.25
C THR A 333 18.17 30.63 -15.39
N VAL A 334 19.18 31.44 -15.06
CA VAL A 334 20.24 31.85 -15.98
C VAL A 334 20.90 30.61 -16.58
N ARG A 335 21.27 29.70 -15.70
CA ARG A 335 21.97 28.53 -16.13
C ARG A 335 21.18 27.84 -17.21
N ALA A 336 19.92 27.51 -16.95
CA ALA A 336 19.13 26.76 -17.96
C ALA A 336 18.92 27.56 -19.24
N LEU A 337 18.77 28.88 -19.12
CA LEU A 337 18.58 29.69 -20.31
C LEU A 337 19.79 29.67 -21.24
N LYS A 338 20.98 29.50 -20.69
CA LYS A 338 22.18 29.37 -21.51
C LYS A 338 22.23 28.02 -22.21
N MET A 339 21.72 26.96 -21.55
CA MET A 339 21.64 25.67 -22.19
C MET A 339 20.80 25.76 -23.44
N HIS A 340 19.72 26.56 -23.38
CA HIS A 340 18.83 26.77 -24.51
C HIS A 340 19.48 27.63 -25.60
N GLY A 341 20.50 28.40 -25.28
CA GLY A 341 21.32 29.05 -26.29
C GLY A 341 22.63 28.30 -26.56
N GLY A 342 22.65 26.98 -26.39
CA GLY A 342 23.71 26.12 -26.93
C GLY A 342 24.82 25.65 -26.00
N VAL A 343 24.94 26.29 -24.84
CA VAL A 343 26.05 26.03 -23.89
C VAL A 343 25.86 24.68 -23.21
N PRO A 344 26.85 23.79 -23.29
CA PRO A 344 26.58 22.49 -22.64
C PRO A 344 26.74 22.55 -21.12
N LYS A 345 26.26 21.52 -20.41
CA LYS A 345 26.29 21.50 -18.92
C LYS A 345 27.68 21.66 -18.32
N SER A 346 28.70 21.15 -18.99
CA SER A 346 30.08 21.24 -18.52
C SER A 346 30.61 22.68 -18.30
N ASP A 347 30.09 23.69 -19.02
CA ASP A 347 30.63 25.05 -18.99
C ASP A 347 29.52 26.07 -18.65
N LEU A 348 28.57 25.67 -17.83
CA LEU A 348 27.41 26.54 -17.60
C LEU A 348 27.69 27.67 -16.64
N ALA A 349 28.78 27.48 -15.88
CA ALA A 349 29.20 28.44 -14.86
C ALA A 349 29.86 29.67 -15.47
N THR A 350 30.50 29.48 -16.62
CA THR A 350 31.16 30.56 -17.35
C THR A 350 30.11 31.55 -17.81
N GLU A 351 30.24 32.80 -17.37
CA GLU A 351 29.42 33.90 -17.90
C GLU A 351 29.37 33.85 -19.44
N ASN A 352 28.21 34.16 -20.02
CA ASN A 352 28.01 34.15 -21.49
C ASN A 352 26.74 34.87 -21.87
N LEU A 353 26.85 36.18 -22.02
CA LEU A 353 25.70 37.04 -22.28
C LEU A 353 25.00 36.77 -23.62
N GLU A 354 25.79 36.32 -24.60
CA GLU A 354 25.30 36.12 -25.95
C GLU A 354 24.45 34.86 -25.94
N ALA A 355 24.86 33.83 -25.21
CA ALA A 355 24.08 32.57 -25.25
C ALA A 355 22.84 32.67 -24.38
N LEU A 356 22.93 33.53 -23.36
CA LEU A 356 21.80 33.86 -22.50
C LEU A 356 20.77 34.65 -23.30
N ARG A 357 21.23 35.69 -23.99
CA ARG A 357 20.33 36.47 -24.86
C ARG A 357 19.57 35.54 -25.82
N GLU A 358 20.24 34.53 -26.36
CA GLU A 358 19.70 33.65 -27.35
C GLU A 358 18.70 32.68 -26.77
N GLY A 359 19.03 32.07 -25.64
CA GLY A 359 18.07 31.12 -25.02
C GLY A 359 16.87 31.78 -24.36
N PHE A 360 16.92 33.09 -24.18
CA PHE A 360 15.81 33.79 -23.59
C PHE A 360 14.58 33.58 -24.47
N ALA A 361 14.81 33.52 -25.77
CA ALA A 361 13.81 33.04 -26.72
C ALA A 361 12.90 31.96 -26.12
N ASN A 362 13.50 30.94 -25.45
CA ASN A 362 12.68 29.91 -24.74
C ASN A 362 11.69 30.60 -23.84
N LEU A 363 12.18 31.44 -22.92
CA LEU A 363 11.32 32.08 -21.89
C LEU A 363 10.29 32.98 -22.53
N GLU A 364 10.72 33.71 -23.56
CA GLU A 364 9.88 34.66 -24.27
C GLU A 364 8.65 33.98 -24.81
N LYS A 365 8.85 32.75 -25.29
CA LYS A 365 7.79 32.05 -25.94
C LYS A 365 6.73 31.57 -24.94
N HIS A 366 7.18 31.20 -23.75
CA HIS A 366 6.28 30.73 -22.75
C HIS A 366 5.40 31.88 -22.24
N ILE A 367 5.99 33.05 -22.00
CA ILE A 367 5.24 34.24 -21.57
C ILE A 367 4.09 34.56 -22.52
N GLU A 368 4.43 34.70 -23.80
CA GLU A 368 3.45 34.81 -24.87
C GLU A 368 2.35 33.77 -24.72
N ASN A 369 2.75 32.53 -24.44
CA ASN A 369 1.75 31.47 -24.44
C ASN A 369 0.81 31.65 -23.26
N ILE A 370 1.35 32.02 -22.13
CA ILE A 370 0.56 32.25 -20.94
C ILE A 370 -0.45 33.37 -21.26
N GLY A 371 0.00 34.34 -22.05
CA GLY A 371 -0.83 35.45 -22.48
C GLY A 371 -2.08 34.95 -23.18
N LYS A 372 -1.91 33.92 -24.03
CA LYS A 372 -3.00 33.39 -24.82
C LYS A 372 -4.20 32.86 -24.00
N PHE A 373 -4.03 32.75 -22.68
CA PHE A 373 -5.08 32.26 -21.75
C PHE A 373 -5.66 33.42 -20.92
N GLY A 374 -5.12 34.62 -21.07
CA GLY A 374 -5.66 35.81 -20.42
C GLY A 374 -5.18 36.00 -18.99
N VAL A 375 -4.06 35.38 -18.65
CA VAL A 375 -3.59 35.32 -17.28
C VAL A 375 -2.32 36.18 -17.21
N PRO A 376 -2.28 37.18 -16.33
CA PRO A 376 -1.05 37.96 -16.27
C PRO A 376 0.16 37.14 -15.79
N ALA A 377 1.26 37.16 -16.55
CA ALA A 377 2.45 36.40 -16.15
C ALA A 377 3.33 37.19 -15.18
N VAL A 378 4.14 36.50 -14.40
CA VAL A 378 5.27 37.14 -13.62
C VAL A 378 6.42 36.17 -13.61
N VAL A 379 7.59 36.61 -13.99
CA VAL A 379 8.73 35.70 -14.05
C VAL A 379 9.38 35.70 -12.70
N ALA A 380 9.94 34.57 -12.32
CA ALA A 380 10.64 34.42 -11.05
C ALA A 380 11.99 33.87 -11.33
N ILE A 381 13.03 34.68 -11.15
CA ILE A 381 14.37 34.25 -11.48
C ILE A 381 14.94 33.54 -10.31
N ASN A 382 15.13 32.24 -10.42
CA ASN A 382 15.69 31.46 -9.35
C ASN A 382 17.21 31.67 -9.31
N ALA A 383 17.62 32.49 -8.35
CA ALA A 383 19.00 32.95 -8.22
C ALA A 383 19.93 31.80 -7.89
N PHE A 384 21.10 31.80 -8.50
CA PHE A 384 22.07 30.74 -8.28
C PHE A 384 23.47 31.39 -8.15
N PRO A 385 24.30 30.92 -7.18
CA PRO A 385 25.51 31.69 -6.75
C PRO A 385 26.56 32.03 -7.82
N THR A 386 26.62 31.26 -8.92
CA THR A 386 27.58 31.53 -9.99
C THR A 386 27.06 32.47 -11.04
N ASP A 387 25.82 32.90 -10.91
CA ASP A 387 25.30 33.85 -11.87
C ASP A 387 25.99 35.16 -11.57
N THR A 388 26.35 35.87 -12.63
CA THR A 388 26.96 37.16 -12.50
C THR A 388 25.84 38.17 -12.56
N GLU A 389 26.12 39.37 -12.05
CA GLU A 389 25.15 40.47 -12.07
C GLU A 389 24.87 40.98 -13.47
N ALA A 390 25.82 40.80 -14.38
CA ALA A 390 25.64 41.27 -15.73
C ALA A 390 24.58 40.38 -16.41
N GLU A 391 24.66 39.06 -16.18
CA GLU A 391 23.69 38.09 -16.72
C GLU A 391 22.30 38.33 -16.17
N LEU A 392 22.24 38.62 -14.87
CA LEU A 392 20.96 38.78 -14.21
C LEU A 392 20.30 40.04 -14.71
N ASN A 393 21.02 41.14 -14.74
CA ASN A 393 20.49 42.39 -15.28
C ASN A 393 19.99 42.29 -16.72
N LEU A 394 20.72 41.55 -17.55
CA LEU A 394 20.28 41.30 -18.91
C LEU A 394 19.02 40.41 -18.95
N LEU A 395 18.80 39.61 -17.92
CA LEU A 395 17.60 38.83 -17.85
C LEU A 395 16.38 39.71 -17.54
N TYR A 396 16.54 40.58 -16.53
CA TYR A 396 15.51 41.57 -16.17
C TYR A 396 15.13 42.48 -17.34
N GLU A 397 16.14 42.90 -18.13
CA GLU A 397 15.93 43.79 -19.30
C GLU A 397 15.03 43.08 -20.31
N LEU A 398 15.44 41.87 -20.61
CA LEU A 398 14.73 41.06 -21.57
C LEU A 398 13.30 40.74 -21.10
N CYS A 399 13.12 40.55 -19.81
CA CYS A 399 11.78 40.35 -19.27
C CYS A 399 10.90 41.62 -19.41
N ALA A 400 11.48 42.79 -19.18
CA ALA A 400 10.74 44.02 -19.36
C ALA A 400 10.46 44.21 -20.85
N LYS A 401 11.51 44.20 -21.69
CA LYS A 401 11.28 44.39 -23.13
C LYS A 401 10.14 43.49 -23.61
N ALA A 402 10.00 42.31 -23.01
CA ALA A 402 8.87 41.39 -23.31
C ALA A 402 7.58 41.63 -22.45
N GLY A 403 7.54 42.74 -21.72
CA GLY A 403 6.37 43.12 -20.93
C GLY A 403 5.97 42.25 -19.75
N ALA A 404 6.93 41.59 -19.09
CA ALA A 404 6.61 40.81 -17.89
C ALA A 404 7.28 41.38 -16.63
N GLU A 405 6.53 41.47 -15.53
CA GLU A 405 7.12 41.81 -14.26
C GLU A 405 8.09 40.68 -14.00
N VAL A 406 9.03 40.93 -13.11
CA VAL A 406 10.06 39.95 -12.81
C VAL A 406 10.60 40.24 -11.41
N ALA A 407 11.06 39.18 -10.74
CA ALA A 407 11.63 39.28 -9.41
C ALA A 407 12.74 38.28 -9.21
N LEU A 408 13.72 38.64 -8.38
CA LEU A 408 14.75 37.67 -8.00
C LEU A 408 14.15 36.82 -6.89
N SER A 409 14.48 35.54 -6.84
CA SER A 409 13.96 34.68 -5.79
C SER A 409 15.10 33.94 -5.13
N GLU A 410 15.28 34.14 -3.83
CA GLU A 410 16.33 33.45 -3.13
C GLU A 410 15.69 32.63 -2.05
N VAL A 411 14.57 31.99 -2.39
CA VAL A 411 13.81 31.23 -1.40
C VAL A 411 14.50 29.93 -1.02
N TRP A 412 15.41 29.44 -1.83
CA TRP A 412 16.11 28.22 -1.47
C TRP A 412 17.07 28.51 -0.29
N ALA A 413 17.75 29.65 -0.38
CA ALA A 413 18.72 30.05 0.64
C ALA A 413 18.07 30.67 1.87
N LYS A 414 17.06 31.49 1.68
CA LYS A 414 16.56 32.36 2.76
C LYS A 414 15.07 32.16 3.12
N GLY A 415 14.39 31.20 2.49
CA GLY A 415 13.00 30.93 2.80
C GLY A 415 12.10 32.10 2.48
N GLY A 416 11.05 32.27 3.27
CA GLY A 416 10.03 33.24 2.94
C GLY A 416 10.56 34.62 2.66
N GLU A 417 11.68 34.99 3.28
CA GLU A 417 12.24 36.31 3.12
C GLU A 417 12.78 36.46 1.72
N GLY A 418 13.22 35.36 1.13
CA GLY A 418 13.86 35.38 -0.16
C GLY A 418 12.86 35.45 -1.30
N GLY A 419 11.57 35.46 -0.96
CA GLY A 419 10.48 35.52 -1.92
C GLY A 419 9.53 36.70 -1.72
N LEU A 420 9.86 37.61 -0.80
CA LEU A 420 9.06 38.79 -0.54
C LEU A 420 8.94 39.72 -1.78
N GLU A 421 10.05 39.88 -2.49
CA GLU A 421 10.08 40.75 -3.66
C GLU A 421 9.11 40.20 -4.74
N LEU A 422 9.16 38.89 -4.98
CA LEU A 422 8.23 38.20 -5.91
C LEU A 422 6.80 38.25 -5.40
N ALA A 423 6.64 37.98 -4.13
CA ALA A 423 5.34 38.00 -3.56
C ALA A 423 4.69 39.34 -3.77
N ARG A 424 5.50 40.40 -3.66
CA ARG A 424 4.96 41.75 -3.76
C ARG A 424 4.60 42.10 -5.17
N LYS A 425 5.38 41.57 -6.10
CA LYS A 425 5.08 41.68 -7.53
C LYS A 425 3.81 40.94 -7.90
N VAL A 426 3.68 39.70 -7.45
CA VAL A 426 2.43 38.98 -7.59
C VAL A 426 1.25 39.77 -7.07
N LEU A 427 1.44 40.49 -5.97
CA LEU A 427 0.32 41.18 -5.33
C LEU A 427 0.00 42.47 -6.07
N GLN A 428 1.03 43.21 -6.47
CA GLN A 428 0.87 44.31 -7.46
C GLN A 428 -0.02 43.87 -8.64
N THR A 429 0.22 42.67 -9.15
CA THR A 429 -0.45 42.19 -10.33
C THR A 429 -1.90 41.81 -10.03
N LEU A 430 -2.14 41.19 -8.88
CA LEU A 430 -3.50 40.84 -8.53
C LEU A 430 -4.33 42.09 -8.30
N GLU A 431 -3.72 43.10 -7.67
CA GLU A 431 -4.42 44.36 -7.34
C GLU A 431 -4.73 45.17 -8.62
N SER A 432 -3.83 45.10 -9.62
CA SER A 432 -3.85 46.06 -10.73
C SER A 432 -4.16 45.46 -12.11
N ARG A 433 -4.07 44.13 -12.27
CA ARG A 433 -4.28 43.48 -13.58
C ARG A 433 -5.17 42.26 -13.49
N PRO A 434 -6.46 42.45 -13.20
CA PRO A 434 -7.35 41.30 -13.07
C PRO A 434 -7.32 40.50 -14.32
N SER A 435 -7.62 39.21 -14.21
CA SER A 435 -7.41 38.33 -15.33
C SER A 435 -8.64 38.06 -16.21
N ASN A 436 -8.31 37.68 -17.43
CA ASN A 436 -9.31 37.42 -18.43
C ASN A 436 -9.25 35.94 -18.88
N PHE A 437 -9.47 35.02 -17.95
CA PHE A 437 -9.15 33.60 -18.22
C PHE A 437 -10.09 32.97 -19.18
N HIS A 438 -9.55 32.39 -20.24
CA HIS A 438 -10.30 31.47 -21.09
C HIS A 438 -9.41 30.31 -21.44
N VAL A 439 -10.05 29.15 -21.60
CA VAL A 439 -9.37 27.96 -22.13
C VAL A 439 -8.78 28.27 -23.51
N LEU A 440 -7.91 27.43 -24.03
CA LEU A 440 -7.38 27.62 -25.40
C LEU A 440 -8.30 27.20 -26.55
N TYR A 441 -9.21 26.27 -26.29
CA TYR A 441 -9.95 25.61 -27.37
C TYR A 441 -11.30 25.10 -26.91
N ASN A 442 -12.21 25.13 -27.85
CA ASN A 442 -13.56 24.66 -27.65
C ASN A 442 -13.61 23.13 -27.81
N LEU A 443 -14.43 22.46 -27.02
CA LEU A 443 -14.49 20.99 -27.02
C LEU A 443 -15.10 20.42 -28.31
N ASP A 444 -15.93 21.26 -28.93
CA ASP A 444 -16.60 20.96 -30.19
C ASP A 444 -15.69 20.85 -31.39
N LEU A 445 -14.49 21.40 -31.34
CA LEU A 445 -13.57 21.14 -32.45
C LEU A 445 -13.34 19.63 -32.57
N SER A 446 -12.88 19.17 -33.71
CA SER A 446 -12.44 17.80 -33.82
C SER A 446 -11.08 17.65 -33.20
N ILE A 447 -10.81 16.42 -32.84
CA ILE A 447 -9.54 16.00 -32.30
C ILE A 447 -8.34 16.55 -33.02
N LYS A 448 -8.37 16.57 -34.33
CA LYS A 448 -7.20 17.00 -35.07
C LYS A 448 -7.16 18.50 -35.07
N ASP A 449 -8.33 19.13 -35.05
CA ASP A 449 -8.37 20.58 -34.89
C ASP A 449 -7.77 20.99 -33.51
N LYS A 450 -8.18 20.35 -32.41
CA LYS A 450 -7.67 20.67 -31.08
C LYS A 450 -6.18 20.45 -30.96
N ILE A 451 -5.75 19.28 -31.39
CA ILE A 451 -4.31 19.00 -31.53
C ILE A 451 -3.49 20.03 -32.31
N ALA A 452 -4.03 20.46 -33.46
CA ALA A 452 -3.42 21.52 -34.22
C ALA A 452 -3.36 22.89 -33.50
N LYS A 453 -4.39 23.20 -32.69
CA LYS A 453 -4.42 24.47 -31.99
C LYS A 453 -3.30 24.53 -30.97
N ILE A 454 -3.18 23.45 -30.21
CA ILE A 454 -2.13 23.33 -29.25
C ILE A 454 -0.77 23.39 -29.90
N ALA A 455 -0.58 22.57 -30.94
CA ALA A 455 0.69 22.45 -31.59
C ALA A 455 1.14 23.72 -32.25
N THR A 456 0.21 24.47 -32.80
CA THR A 456 0.60 25.70 -33.48
C THR A 456 0.62 26.92 -32.56
N GLU A 457 -0.42 27.08 -31.76
CA GLU A 457 -0.50 28.20 -30.86
C GLU A 457 0.57 28.12 -29.73
N ILE A 458 0.63 26.95 -29.08
CA ILE A 458 1.57 26.70 -27.98
C ILE A 458 2.95 26.25 -28.40
N TYR A 459 3.04 25.13 -29.10
CA TYR A 459 4.37 24.57 -29.42
C TYR A 459 5.19 25.38 -30.41
N GLY A 460 4.53 26.23 -31.18
CA GLY A 460 5.13 26.92 -32.32
C GLY A 460 5.22 26.08 -33.60
N ALA A 461 4.50 24.97 -33.66
CA ALA A 461 4.68 24.05 -34.81
C ALA A 461 4.08 24.59 -36.11
N ASP A 462 4.67 24.24 -37.26
CA ASP A 462 4.00 24.49 -38.55
C ASP A 462 2.69 23.67 -38.61
N GLY A 463 2.85 22.36 -38.54
CA GLY A 463 1.69 21.51 -38.46
C GLY A 463 1.95 20.14 -37.90
N VAL A 464 0.93 19.29 -38.06
CA VAL A 464 0.88 18.01 -37.38
C VAL A 464 0.71 16.87 -38.39
N ASN A 465 1.55 15.84 -38.27
CA ASN A 465 1.44 14.62 -39.10
C ASN A 465 0.93 13.45 -38.27
N TYR A 466 0.19 12.56 -38.93
CA TYR A 466 -0.30 11.35 -38.29
C TYR A 466 0.19 10.10 -39.00
N THR A 467 0.38 9.02 -38.25
CA THR A 467 0.58 7.70 -38.84
C THR A 467 -0.76 7.11 -39.20
N ALA A 468 -0.72 6.01 -39.95
CA ALA A 468 -1.94 5.28 -40.25
C ALA A 468 -2.67 4.75 -39.00
N GLU A 469 -1.89 4.34 -38.00
CA GLU A 469 -2.39 3.81 -36.73
C GLU A 469 -3.17 4.89 -36.02
N ALA A 470 -2.58 6.08 -35.94
CA ALA A 470 -3.24 7.21 -35.29
C ALA A 470 -4.53 7.56 -36.00
N ASP A 471 -4.46 7.55 -37.34
CA ASP A 471 -5.64 7.88 -38.16
C ASP A 471 -6.75 6.82 -37.98
N LYS A 472 -6.36 5.56 -37.72
CA LYS A 472 -7.36 4.51 -37.42
C LYS A 472 -7.97 4.77 -36.03
N ALA A 473 -7.10 5.01 -35.05
CA ALA A 473 -7.50 5.27 -33.66
C ALA A 473 -8.47 6.45 -33.48
N ILE A 474 -8.10 7.60 -34.06
CA ILE A 474 -8.93 8.81 -34.08
C ILE A 474 -10.29 8.60 -34.71
N GLN A 475 -10.32 7.94 -35.87
CA GLN A 475 -11.62 7.64 -36.48
C GLN A 475 -12.35 6.72 -35.52
N ARG A 476 -11.63 5.76 -34.95
CA ARG A 476 -12.30 4.82 -34.07
C ARG A 476 -12.89 5.62 -32.90
N TYR A 477 -12.06 6.45 -32.24
CA TYR A 477 -12.54 7.20 -31.08
C TYR A 477 -13.69 8.16 -31.44
N GLU A 478 -13.58 8.84 -32.58
CA GLU A 478 -14.68 9.70 -33.03
C GLU A 478 -15.94 8.90 -33.32
N SER A 479 -15.84 7.69 -33.86
CA SER A 479 -17.05 6.87 -34.18
C SER A 479 -17.82 6.49 -32.95
N LEU A 480 -17.08 6.23 -31.88
CA LEU A 480 -17.65 5.79 -30.62
C LEU A 480 -18.12 6.97 -29.78
N GLY A 481 -17.89 8.19 -30.26
CA GLY A 481 -18.39 9.41 -29.61
C GLY A 481 -17.48 9.99 -28.54
N TYR A 482 -16.21 9.62 -28.51
CA TYR A 482 -15.28 10.25 -27.57
C TYR A 482 -14.59 11.47 -28.18
N GLY A 483 -15.19 12.05 -29.22
CA GLY A 483 -14.54 13.06 -30.02
C GLY A 483 -14.65 14.48 -29.51
N ASN A 484 -15.48 14.71 -28.51
CA ASN A 484 -15.65 16.05 -27.97
C ASN A 484 -15.05 16.14 -26.58
N LEU A 485 -13.88 15.50 -26.47
CA LEU A 485 -13.11 15.44 -25.25
C LEU A 485 -11.91 16.33 -25.36
N PRO A 486 -11.42 16.80 -24.22
CA PRO A 486 -10.15 17.47 -24.17
C PRO A 486 -9.04 16.58 -24.63
N VAL A 487 -7.87 17.15 -24.90
CA VAL A 487 -6.71 16.45 -25.50
C VAL A 487 -5.49 16.64 -24.61
N VAL A 488 -4.80 15.54 -24.31
CA VAL A 488 -3.66 15.52 -23.39
C VAL A 488 -2.42 14.98 -24.13
N MET A 489 -1.52 15.88 -24.51
CA MET A 489 -0.50 15.57 -25.48
C MET A 489 0.67 14.97 -24.74
N ALA A 490 0.96 13.68 -24.99
CA ALA A 490 2.17 13.04 -24.43
C ALA A 490 3.30 13.32 -25.37
N LYS A 491 4.18 14.21 -24.92
CA LYS A 491 5.28 14.70 -25.71
C LYS A 491 6.50 14.85 -24.77
N THR A 492 7.70 14.75 -25.33
CA THR A 492 8.89 15.08 -24.53
C THR A 492 8.66 16.42 -23.86
N GLN A 493 9.33 16.63 -22.75
CA GLN A 493 9.28 17.87 -22.01
C GLN A 493 10.45 18.81 -22.35
N TYR A 494 11.56 18.26 -22.85
CA TYR A 494 12.79 19.05 -23.02
C TYR A 494 12.86 19.87 -24.32
N SER A 495 11.78 19.84 -25.12
CA SER A 495 11.63 20.74 -26.28
C SER A 495 10.20 21.26 -26.40
N PHE A 496 10.03 22.35 -27.16
CA PHE A 496 8.70 22.68 -27.66
C PHE A 496 8.33 21.69 -28.74
N SER A 497 9.34 21.16 -29.43
CA SER A 497 9.12 20.19 -30.47
C SER A 497 8.85 18.85 -29.83
N ASP A 498 8.77 17.81 -30.66
CA ASP A 498 8.81 16.42 -30.17
C ASP A 498 10.23 15.79 -30.38
N ASP A 499 11.24 16.64 -30.55
CA ASP A 499 12.64 16.23 -30.66
C ASP A 499 13.43 16.79 -29.45
N MET A 500 13.78 15.87 -28.55
CA MET A 500 14.29 16.24 -27.24
C MET A 500 15.63 16.97 -27.26
N THR A 501 16.23 17.11 -28.45
CA THR A 501 17.49 17.80 -28.69
C THR A 501 17.29 19.20 -29.23
N LYS A 502 16.08 19.51 -29.66
CA LYS A 502 15.83 20.79 -30.23
C LYS A 502 15.49 21.75 -29.10
N LEU A 503 16.52 22.42 -28.60
CA LEU A 503 16.38 23.27 -27.43
C LEU A 503 15.90 24.66 -27.86
N GLY A 504 15.56 25.50 -26.90
CA GLY A 504 15.29 26.91 -27.14
C GLY A 504 13.90 27.06 -27.77
N ARG A 505 13.82 27.89 -28.83
CA ARG A 505 12.61 28.06 -29.62
C ARG A 505 12.81 27.60 -31.07
N PRO A 506 12.65 26.28 -31.30
CA PRO A 506 12.79 25.75 -32.63
C PRO A 506 11.69 26.28 -33.54
N ARG A 507 12.07 26.53 -34.80
CA ARG A 507 11.19 26.97 -35.88
C ARG A 507 11.24 25.96 -37.04
N ASN A 508 10.53 26.26 -38.13
CA ASN A 508 10.27 25.29 -39.24
C ASN A 508 10.19 23.85 -38.80
N PHE A 509 9.18 23.48 -38.04
CA PHE A 509 9.07 22.08 -37.64
C PHE A 509 7.67 21.56 -37.57
N THR A 510 7.60 20.25 -37.49
CA THR A 510 6.36 19.52 -37.61
C THR A 510 6.32 18.46 -36.51
N ILE A 511 5.15 18.33 -35.86
CA ILE A 511 4.90 17.34 -34.80
C ILE A 511 4.33 16.10 -35.48
N THR A 512 4.65 14.92 -34.93
CA THR A 512 4.19 13.64 -35.50
C THR A 512 3.50 12.77 -34.45
N VAL A 513 2.29 12.30 -34.72
CA VAL A 513 1.50 11.62 -33.71
C VAL A 513 1.44 10.18 -34.13
N ARG A 514 2.17 9.38 -33.35
CA ARG A 514 2.42 7.98 -33.67
C ARG A 514 1.28 7.04 -33.22
N GLU A 515 0.61 7.37 -32.13
CA GLU A 515 -0.39 6.51 -31.46
C GLU A 515 -1.41 7.40 -30.76
N VAL A 516 -2.57 6.85 -30.43
CA VAL A 516 -3.56 7.58 -29.65
C VAL A 516 -4.30 6.67 -28.69
N ARG A 517 -4.11 6.86 -27.39
CA ARG A 517 -4.81 6.08 -26.37
C ARG A 517 -6.03 6.88 -25.86
N LEU A 518 -6.90 6.25 -25.07
CA LEU A 518 -8.09 6.89 -24.51
C LEU A 518 -8.20 6.73 -22.97
N SER A 519 -8.58 7.80 -22.28
CA SER A 519 -8.92 7.72 -20.87
C SER A 519 -10.38 8.17 -20.73
N ALA A 520 -11.31 7.22 -20.85
CA ALA A 520 -12.72 7.52 -20.76
C ALA A 520 -13.07 7.96 -19.37
N GLY A 521 -12.38 7.44 -18.37
CA GLY A 521 -12.69 7.73 -17.00
C GLY A 521 -12.21 9.10 -16.64
N ALA A 522 -10.92 9.37 -16.88
CA ALA A 522 -10.38 10.72 -16.63
C ALA A 522 -11.05 11.72 -17.56
N GLY A 523 -11.46 11.23 -18.74
CA GLY A 523 -12.33 11.99 -19.61
C GLY A 523 -11.58 12.75 -20.68
N PHE A 524 -10.47 12.17 -21.19
CA PHE A 524 -9.70 12.77 -22.28
C PHE A 524 -8.95 11.80 -23.22
N ILE A 525 -8.46 12.37 -24.31
CA ILE A 525 -7.76 11.68 -25.38
C ILE A 525 -6.25 11.92 -25.25
N VAL A 526 -5.45 10.88 -25.46
CA VAL A 526 -4.01 11.03 -25.31
C VAL A 526 -3.25 10.73 -26.60
N PRO A 527 -2.85 11.78 -27.35
CA PRO A 527 -1.95 11.57 -28.49
C PRO A 527 -0.47 11.46 -28.09
N ILE A 528 0.19 10.36 -28.49
CA ILE A 528 1.60 10.14 -28.19
C ILE A 528 2.47 10.59 -29.35
N THR A 529 3.50 11.40 -29.07
CA THR A 529 4.42 11.91 -30.10
C THR A 529 5.78 11.23 -30.09
N GLY A 530 6.24 10.78 -28.94
CA GLY A 530 7.47 9.96 -28.92
C GLY A 530 7.27 8.47 -28.62
N ALA A 531 8.31 7.90 -28.02
CA ALA A 531 8.17 6.69 -27.21
C ALA A 531 7.86 7.19 -25.78
N ILE A 532 6.95 6.53 -25.06
CA ILE A 532 6.54 7.03 -23.73
C ILE A 532 6.79 6.02 -22.61
N MET A 533 7.70 6.37 -21.71
CA MET A 533 8.08 5.52 -20.59
C MET A 533 7.04 5.61 -19.44
N THR A 534 6.08 4.69 -19.48
CA THR A 534 5.09 4.56 -18.39
C THR A 534 5.56 3.71 -17.19
N MET A 535 6.83 3.25 -17.22
CA MET A 535 7.43 2.39 -16.19
C MET A 535 8.97 2.40 -16.24
N PRO A 536 9.63 3.35 -15.55
CA PRO A 536 11.11 3.39 -15.54
C PRO A 536 11.80 2.24 -14.81
N GLY A 537 13.08 2.07 -15.09
CA GLY A 537 13.88 1.02 -14.47
C GLY A 537 15.00 1.56 -13.62
N LEU A 538 15.62 0.69 -12.85
CA LEU A 538 16.64 1.10 -11.92
C LEU A 538 18.01 1.27 -12.60
N PRO A 539 18.89 2.08 -11.97
CA PRO A 539 20.21 2.32 -12.53
C PRO A 539 21.23 1.25 -12.13
N LYS A 540 22.43 1.29 -12.71
CA LYS A 540 23.52 0.36 -12.35
C LYS A 540 23.67 0.21 -10.81
N ARG A 541 23.82 1.32 -10.08
CA ARG A 541 24.01 1.26 -8.63
C ARG A 541 22.85 1.98 -7.92
N PRO A 542 21.71 1.29 -7.75
CA PRO A 542 20.49 1.98 -7.27
C PRO A 542 20.58 2.50 -5.82
N ALA A 543 19.75 3.49 -5.49
CA ALA A 543 19.81 4.11 -4.15
C ALA A 543 19.57 3.10 -3.04
N ALA A 544 18.87 2.01 -3.37
CA ALA A 544 18.45 1.04 -2.37
C ALA A 544 19.65 0.33 -1.72
N CYS A 545 20.63 0.02 -2.58
CA CYS A 545 21.93 -0.54 -2.19
C CYS A 545 22.68 0.26 -1.08
N ASN A 546 22.52 1.58 -1.10
CA ASN A 546 23.25 2.46 -0.19
C ASN A 546 22.37 2.99 0.92
N ILE A 547 21.10 2.57 0.93
CA ILE A 547 20.17 3.04 1.96
C ILE A 547 20.25 2.16 3.20
N ASP A 548 20.36 2.80 4.37
CA ASP A 548 20.27 2.05 5.64
C ASP A 548 19.50 2.82 6.73
N ILE A 549 19.10 2.08 7.77
CA ILE A 549 18.45 2.66 8.98
C ILE A 549 18.89 1.94 10.25
N ASP A 550 19.49 2.66 11.22
CA ASP A 550 20.07 2.02 12.45
C ASP A 550 19.08 1.98 13.66
N ALA A 551 19.57 1.49 14.81
CA ALA A 551 18.71 1.34 16.02
C ALA A 551 18.17 2.67 16.51
N ASP A 552 18.96 3.73 16.38
CA ASP A 552 18.55 5.02 16.88
C ASP A 552 17.51 5.66 15.94
N GLY A 553 17.04 4.92 14.96
CA GLY A 553 16.06 5.42 13.99
C GLY A 553 16.66 6.36 12.96
N VAL A 554 17.99 6.40 12.88
CA VAL A 554 18.68 7.32 11.98
C VAL A 554 18.73 6.71 10.57
N ILE A 555 18.41 7.53 9.59
CA ILE A 555 18.41 7.11 8.19
C ILE A 555 19.63 7.63 7.43
N THR A 556 20.11 6.85 6.46
CA THR A 556 21.19 7.29 5.57
C THR A 556 21.04 6.79 4.13
N GLY A 557 21.63 7.55 3.20
CA GLY A 557 21.63 7.22 1.80
C GLY A 557 20.26 7.38 1.15
N LEU A 558 19.31 7.99 1.86
CA LEU A 558 17.95 8.21 1.34
C LEU A 558 17.82 9.57 0.66
N PHE A 559 18.73 10.49 0.90
CA PHE A 559 18.63 11.84 0.30
C PHE A 559 19.99 12.42 -0.13
N PRO B 5 -28.97 -9.69 16.11
CA PRO B 5 -28.76 -8.94 14.87
C PRO B 5 -27.61 -9.54 14.06
N SER B 6 -27.02 -8.77 13.16
CA SER B 6 -25.86 -9.23 12.39
C SER B 6 -24.54 -8.61 12.88
N ASP B 7 -23.45 -9.36 12.70
CA ASP B 7 -22.11 -8.92 13.08
C ASP B 7 -21.86 -7.43 12.84
N ILE B 8 -22.10 -6.98 11.61
CA ILE B 8 -21.89 -5.57 11.23
C ILE B 8 -22.85 -4.61 11.95
N GLU B 9 -24.12 -5.02 12.14
CA GLU B 9 -25.09 -4.17 12.85
C GLU B 9 -24.60 -3.95 14.26
N ILE B 10 -24.07 -5.01 14.87
CA ILE B 10 -23.55 -4.94 16.23
C ILE B 10 -22.33 -4.02 16.33
N ALA B 11 -21.42 -4.11 15.36
CA ALA B 11 -20.21 -3.27 15.36
C ALA B 11 -20.64 -1.83 15.38
N GLN B 12 -21.64 -1.52 14.56
CA GLN B 12 -22.07 -0.15 14.36
C GLN B 12 -22.88 0.40 15.53
N ALA B 13 -23.66 -0.46 16.18
CA ALA B 13 -24.36 -0.11 17.41
C ALA B 13 -23.39 0.19 18.57
N ALA B 14 -22.20 -0.43 18.53
CA ALA B 14 -21.20 -0.28 19.58
C ALA B 14 -20.76 1.16 19.78
N LYS B 15 -20.27 1.44 20.99
CA LYS B 15 -19.75 2.75 21.37
C LYS B 15 -18.25 2.56 21.62
N MET B 16 -17.42 3.19 20.80
CA MET B 16 -15.97 3.04 20.91
C MET B 16 -15.34 4.17 21.77
N LYS B 17 -14.40 3.80 22.65
CA LYS B 17 -13.61 4.77 23.42
C LYS B 17 -12.41 5.23 22.60
N PRO B 18 -12.13 6.54 22.62
CA PRO B 18 -10.87 6.93 21.99
C PRO B 18 -9.69 6.09 22.45
N VAL B 19 -8.85 5.70 21.52
CA VAL B 19 -7.76 4.77 21.82
C VAL B 19 -6.67 5.39 22.68
N MET B 20 -6.56 6.71 22.67
CA MET B 20 -5.60 7.37 23.55
C MET B 20 -5.92 7.12 25.03
N GLU B 21 -7.20 7.17 25.39
CA GLU B 21 -7.63 6.77 26.71
C GLU B 21 -6.96 5.46 27.03
N LEU B 22 -7.25 4.46 26.19
CA LEU B 22 -6.84 3.11 26.45
C LEU B 22 -5.33 3.11 26.54
N ALA B 23 -4.69 3.75 25.58
CA ALA B 23 -3.25 3.82 25.63
C ALA B 23 -2.83 4.29 27.00
N ARG B 24 -3.34 5.44 27.41
CA ARG B 24 -3.00 6.05 28.70
C ARG B 24 -3.30 5.07 29.87
N GLY B 25 -4.51 4.53 29.93
CA GLY B 25 -4.85 3.54 30.97
C GLY B 25 -3.90 2.35 31.09
N LEU B 26 -3.19 2.01 30.01
CA LEU B 26 -2.17 0.95 30.03
C LEU B 26 -0.77 1.44 30.46
N GLY B 27 -0.61 2.75 30.51
CA GLY B 27 0.65 3.33 30.97
C GLY B 27 1.55 3.55 29.78
N ILE B 28 0.91 3.97 28.69
CA ILE B 28 1.57 4.27 27.46
C ILE B 28 1.57 5.78 27.44
N GLN B 29 2.77 6.35 27.28
CA GLN B 29 2.94 7.80 27.14
C GLN B 29 2.37 8.32 25.82
N GLU B 30 1.71 9.48 25.89
CA GLU B 30 1.15 10.12 24.68
C GLU B 30 2.21 10.36 23.56
N ASP B 31 3.51 10.38 23.90
CA ASP B 31 4.57 10.57 22.90
C ASP B 31 5.01 9.25 22.25
N GLU B 32 4.37 8.15 22.66
CA GLU B 32 4.61 6.80 22.14
C GLU B 32 3.41 6.29 21.37
N VAL B 33 2.38 7.13 21.25
CA VAL B 33 1.17 6.78 20.53
C VAL B 33 1.19 7.60 19.26
N GLU B 34 0.57 7.04 18.22
CA GLU B 34 0.59 7.60 16.89
C GLU B 34 -0.77 7.32 16.26
N LEU B 35 -1.72 8.24 16.41
CA LEU B 35 -3.10 7.99 15.99
C LEU B 35 -3.28 7.84 14.48
N TYR B 36 -4.18 6.94 14.10
CA TYR B 36 -4.71 6.86 12.73
C TYR B 36 -6.21 7.03 12.87
N GLY B 37 -6.66 8.28 12.94
CA GLY B 37 -8.02 8.56 13.39
C GLY B 37 -8.10 8.32 14.88
N LYS B 38 -9.25 8.62 15.50
CA LYS B 38 -9.34 8.60 16.97
C LYS B 38 -9.62 7.24 17.59
N TYR B 39 -9.50 6.18 16.76
CA TYR B 39 -9.81 4.79 17.17
C TYR B 39 -8.82 3.70 16.68
N LYS B 40 -7.66 4.10 16.14
CA LYS B 40 -6.52 3.19 15.94
C LYS B 40 -5.20 3.91 16.20
N ALA B 41 -4.20 3.19 16.66
CA ALA B 41 -2.89 3.81 16.81
C ALA B 41 -1.76 2.84 16.76
N LYS B 42 -0.60 3.36 16.40
CA LYS B 42 0.63 2.62 16.52
C LYS B 42 1.37 3.00 17.80
N ILE B 43 1.86 1.97 18.49
CA ILE B 43 2.62 2.11 19.74
C ILE B 43 4.10 1.90 19.42
N SER B 44 4.94 2.83 19.87
CA SER B 44 6.36 2.78 19.63
C SER B 44 6.99 1.51 20.20
N LEU B 45 8.20 1.19 19.73
CA LEU B 45 8.97 0.04 20.24
C LEU B 45 9.64 0.39 21.56
N ASP B 46 9.70 1.69 21.83
CA ASP B 46 10.30 2.20 23.06
C ASP B 46 9.61 1.68 24.33
N VAL B 47 8.29 1.48 24.24
CA VAL B 47 7.50 0.96 25.38
C VAL B 47 8.18 -0.32 25.92
N TYR B 48 8.28 -1.34 25.10
CA TYR B 48 8.98 -2.56 25.52
C TYR B 48 10.39 -2.21 26.00
N ARG B 49 11.17 -1.50 25.18
CA ARG B 49 12.57 -1.16 25.52
C ARG B 49 12.74 -0.55 26.94
N ARG B 50 11.74 0.23 27.40
CA ARG B 50 11.76 0.81 28.76
C ARG B 50 11.15 -0.10 29.85
N LEU B 51 10.23 -0.97 29.46
CA LEU B 51 9.62 -1.94 30.38
C LEU B 51 10.32 -3.28 30.29
N LYS B 52 11.55 -3.29 29.80
CA LYS B 52 12.27 -4.53 29.50
C LYS B 52 12.47 -5.42 30.73
N ASP B 53 12.40 -4.80 31.93
CA ASP B 53 12.63 -5.48 33.22
C ASP B 53 11.41 -5.76 34.11
N LYS B 54 10.29 -5.06 33.87
CA LYS B 54 9.00 -5.41 34.49
C LYS B 54 8.70 -6.88 34.24
N PRO B 55 7.90 -7.51 35.11
CA PRO B 55 7.65 -8.92 34.85
C PRO B 55 6.61 -9.10 33.71
N ASP B 56 6.65 -10.23 33.03
CA ASP B 56 5.66 -10.54 32.00
C ASP B 56 4.37 -11.00 32.67
N GLY B 57 3.22 -10.51 32.20
CA GLY B 57 1.94 -11.06 32.66
C GLY B 57 1.80 -12.55 32.40
N LYS B 58 0.59 -13.05 32.52
CA LYS B 58 0.30 -14.45 32.21
C LYS B 58 -0.04 -14.62 30.71
N LEU B 59 0.63 -15.57 30.07
CA LEU B 59 0.43 -15.86 28.63
C LEU B 59 -0.53 -17.03 28.36
N ILE B 60 -1.64 -16.71 27.70
CA ILE B 60 -2.72 -17.66 27.39
C ILE B 60 -2.95 -17.78 25.86
N LEU B 61 -2.86 -19.01 25.36
CA LEU B 61 -3.09 -19.30 23.95
C LEU B 61 -4.48 -19.87 23.71
N VAL B 62 -5.20 -19.35 22.74
CA VAL B 62 -6.43 -19.99 22.32
C VAL B 62 -6.17 -20.78 21.03
N THR B 63 -6.20 -22.12 21.09
CA THR B 63 -6.18 -23.00 19.91
C THR B 63 -7.56 -23.68 19.67
N ALA B 64 -7.57 -24.82 18.99
CA ALA B 64 -8.84 -25.49 18.69
C ALA B 64 -8.63 -26.89 18.14
N ILE B 65 -9.76 -27.60 17.97
CA ILE B 65 -9.80 -28.92 17.33
C ILE B 65 -9.71 -28.78 15.82
N THR B 66 -9.51 -29.91 15.13
CA THR B 66 -9.31 -29.89 13.67
C THR B 66 -10.46 -29.16 12.96
N PRO B 67 -10.12 -28.19 12.08
CA PRO B 67 -11.11 -27.44 11.34
C PRO B 67 -12.11 -28.27 10.56
N THR B 68 -13.30 -27.72 10.39
CA THR B 68 -14.34 -28.31 9.56
C THR B 68 -15.06 -27.17 8.86
N PRO B 69 -15.84 -27.47 7.80
CA PRO B 69 -16.69 -26.43 7.23
C PRO B 69 -17.80 -25.96 8.18
N ALA B 70 -18.11 -26.75 9.20
CA ALA B 70 -19.08 -26.36 10.23
C ALA B 70 -18.61 -25.28 11.22
N GLY B 71 -17.33 -24.91 11.21
CA GLY B 71 -16.84 -23.72 11.92
C GLY B 71 -16.52 -23.92 13.40
N GLU B 72 -15.45 -23.29 13.86
CA GLU B 72 -14.95 -23.49 15.23
C GLU B 72 -15.23 -22.29 16.14
N GLY B 73 -14.74 -21.10 15.77
CA GLY B 73 -14.96 -19.89 16.58
C GLY B 73 -13.81 -19.58 17.53
N LYS B 74 -12.60 -19.86 17.06
CA LYS B 74 -11.37 -19.69 17.82
C LYS B 74 -11.03 -18.20 18.17
N THR B 75 -11.39 -17.30 17.27
CA THR B 75 -11.20 -15.86 17.49
C THR B 75 -12.28 -15.36 18.46
N THR B 76 -13.54 -15.54 18.09
CA THR B 76 -14.66 -15.23 18.98
C THR B 76 -14.27 -15.54 20.46
N THR B 77 -13.80 -16.76 20.70
CA THR B 77 -13.39 -17.20 22.02
C THR B 77 -12.20 -16.45 22.63
N SER B 78 -11.20 -16.06 21.84
CA SER B 78 -10.08 -15.24 22.37
C SER B 78 -10.58 -13.87 22.86
N VAL B 79 -11.53 -13.29 22.13
CA VAL B 79 -12.08 -11.97 22.43
C VAL B 79 -13.11 -12.03 23.57
N GLY B 80 -13.95 -13.06 23.58
CA GLY B 80 -14.93 -13.26 24.64
C GLY B 80 -14.27 -13.55 25.98
N LEU B 81 -13.36 -14.52 25.99
CA LEU B 81 -12.52 -14.79 27.17
C LEU B 81 -11.88 -13.50 27.69
N THR B 82 -11.33 -12.72 26.77
CA THR B 82 -10.73 -11.42 27.08
C THR B 82 -11.76 -10.45 27.73
N ASP B 83 -12.99 -10.44 27.24
CA ASP B 83 -14.03 -9.57 27.76
C ASP B 83 -14.60 -10.02 29.11
N ALA B 84 -14.58 -11.32 29.37
CA ALA B 84 -14.91 -11.83 30.69
C ALA B 84 -13.82 -11.35 31.66
N LEU B 85 -12.55 -11.66 31.37
CA LEU B 85 -11.41 -11.25 32.23
C LEU B 85 -11.36 -9.75 32.55
N ALA B 86 -11.68 -8.90 31.59
CA ALA B 86 -11.97 -7.49 31.90
C ALA B 86 -13.10 -7.30 32.96
N ARG B 87 -14.19 -8.06 32.84
CA ARG B 87 -15.35 -7.95 33.76
C ARG B 87 -15.05 -8.46 35.19
N LEU B 88 -14.07 -9.36 35.33
CA LEU B 88 -13.58 -9.81 36.63
C LEU B 88 -12.52 -8.83 37.16
N GLY B 89 -12.43 -7.64 36.54
CA GLY B 89 -11.52 -6.59 36.94
C GLY B 89 -10.05 -6.87 36.64
N LYS B 90 -9.74 -7.78 35.72
CA LYS B 90 -8.34 -8.08 35.40
C LYS B 90 -7.77 -7.10 34.37
N ARG B 91 -6.47 -6.87 34.49
CA ARG B 91 -5.70 -6.08 33.53
C ARG B 91 -5.22 -7.05 32.45
N VAL B 92 -6.00 -7.08 31.34
CA VAL B 92 -5.83 -8.05 30.26
C VAL B 92 -5.82 -7.39 28.88
N MET B 93 -5.02 -7.94 27.97
CA MET B 93 -5.11 -7.60 26.53
C MET B 93 -5.41 -8.83 25.68
N VAL B 94 -5.79 -8.59 24.42
CA VAL B 94 -5.85 -9.63 23.37
C VAL B 94 -4.98 -9.24 22.19
N CYS B 95 -4.16 -10.17 21.73
CA CYS B 95 -3.37 -10.03 20.50
C CYS B 95 -3.94 -10.88 19.33
N LEU B 96 -4.18 -10.24 18.20
CA LEU B 96 -4.74 -10.93 17.03
C LEU B 96 -4.03 -10.62 15.73
N ARG B 97 -4.33 -11.41 14.72
CA ARG B 97 -3.72 -11.24 13.39
C ARG B 97 -4.58 -10.35 12.55
N GLU B 98 -3.93 -9.52 11.74
CA GLU B 98 -4.63 -8.78 10.71
C GLU B 98 -5.00 -9.70 9.51
N PRO B 99 -6.28 -9.64 9.08
CA PRO B 99 -6.67 -10.48 7.95
C PRO B 99 -6.10 -9.91 6.67
N SER B 100 -6.03 -10.73 5.63
CA SER B 100 -5.72 -10.19 4.31
C SER B 100 -6.86 -9.31 3.84
N LEU B 101 -6.54 -8.41 2.90
CA LEU B 101 -7.54 -7.57 2.24
C LEU B 101 -8.33 -8.39 1.21
N GLY B 102 -7.69 -9.43 0.69
CA GLY B 102 -8.16 -10.13 -0.51
C GLY B 102 -9.51 -10.78 -0.38
N PRO B 103 -9.72 -11.54 0.69
CA PRO B 103 -11.07 -12.03 0.88
C PRO B 103 -12.17 -10.97 0.70
N SER B 104 -12.04 -9.80 1.34
CA SER B 104 -13.12 -8.78 1.30
C SER B 104 -13.72 -8.62 -0.08
N PHE B 105 -12.93 -8.76 -1.13
CA PHE B 105 -13.46 -8.57 -2.49
C PHE B 105 -13.86 -9.82 -3.23
N GLY B 106 -13.40 -10.97 -2.78
CA GLY B 106 -13.85 -12.24 -3.36
C GLY B 106 -15.08 -12.85 -2.68
N ILE B 107 -14.89 -13.32 -1.46
CA ILE B 107 -15.86 -14.21 -0.85
C ILE B 107 -16.50 -13.63 0.40
N LYS B 108 -15.68 -13.23 1.36
CA LYS B 108 -16.19 -12.81 2.68
C LYS B 108 -16.21 -11.31 2.79
N GLY B 109 -15.33 -10.80 3.65
CA GLY B 109 -15.57 -9.56 4.35
C GLY B 109 -16.14 -10.10 5.63
N GLY B 110 -15.27 -10.24 6.64
CA GLY B 110 -15.67 -10.89 7.88
C GLY B 110 -15.27 -10.14 9.13
N ALA B 111 -16.01 -10.40 10.20
CA ALA B 111 -15.75 -9.80 11.51
C ALA B 111 -14.51 -10.41 12.19
N ALA B 112 -13.70 -9.58 12.85
CA ALA B 112 -12.57 -10.07 13.63
C ALA B 112 -13.12 -10.66 14.93
N GLY B 113 -13.62 -11.89 14.84
CA GLY B 113 -14.44 -12.50 15.87
C GLY B 113 -15.86 -12.60 15.33
N GLY B 114 -16.85 -12.38 16.19
CA GLY B 114 -18.24 -12.40 15.75
C GLY B 114 -19.22 -12.25 16.89
N GLY B 115 -20.43 -11.79 16.56
CA GLY B 115 -21.49 -11.58 17.54
C GLY B 115 -21.12 -10.47 18.49
N TYR B 116 -21.13 -10.76 19.80
CA TYR B 116 -20.75 -9.79 20.84
C TYR B 116 -19.32 -10.02 21.37
N ALA B 117 -18.43 -10.50 20.47
CA ALA B 117 -17.03 -10.77 20.78
C ALA B 117 -16.08 -10.40 19.61
N GLN B 118 -16.18 -9.16 19.16
CA GLN B 118 -15.37 -8.65 18.06
C GLN B 118 -14.30 -7.66 18.52
N VAL B 119 -13.39 -7.34 17.62
CA VAL B 119 -12.51 -6.21 17.77
C VAL B 119 -12.87 -5.21 16.70
N VAL B 120 -12.77 -3.93 17.06
CA VAL B 120 -13.23 -2.83 16.21
C VAL B 120 -12.19 -1.70 16.12
N PRO B 121 -12.33 -0.81 15.12
CA PRO B 121 -13.38 -0.71 14.09
C PRO B 121 -13.23 -1.78 12.99
N MET B 122 -14.35 -2.37 12.59
CA MET B 122 -14.39 -3.58 11.75
C MET B 122 -14.09 -3.27 10.29
N GLU B 123 -14.71 -2.21 9.78
CA GLU B 123 -14.42 -1.68 8.45
C GLU B 123 -12.94 -1.48 8.15
N ASP B 124 -12.23 -0.82 9.04
CA ASP B 124 -10.83 -0.43 8.81
C ASP B 124 -9.96 -1.67 8.83
N ILE B 125 -10.28 -2.57 9.76
CA ILE B 125 -9.57 -3.84 9.87
C ILE B 125 -9.64 -4.64 8.57
N ASN B 126 -10.76 -4.55 7.87
CA ASN B 126 -10.97 -5.31 6.64
C ASN B 126 -10.46 -4.59 5.41
N LEU B 127 -10.37 -3.28 5.47
CA LEU B 127 -9.79 -2.53 4.36
C LEU B 127 -8.28 -2.29 4.58
N HIS B 128 -7.81 -1.06 4.42
CA HIS B 128 -6.38 -0.80 4.41
C HIS B 128 -5.79 -0.78 5.83
N PHE B 129 -6.65 -0.63 6.84
CA PHE B 129 -6.28 -0.58 8.31
C PHE B 129 -5.19 0.47 8.55
N THR B 130 -4.01 0.11 9.09
CA THR B 130 -2.92 1.10 9.16
C THR B 130 -1.82 0.90 8.09
N GLY B 131 -2.16 0.15 7.02
CA GLY B 131 -1.26 -0.05 5.88
C GLY B 131 -0.09 -1.03 6.04
N ASP B 132 -0.12 -1.80 7.11
CA ASP B 132 0.91 -2.79 7.35
C ASP B 132 1.16 -3.70 6.13
N ILE B 133 0.10 -4.18 5.50
CA ILE B 133 0.23 -5.15 4.37
C ILE B 133 0.65 -4.45 3.06
N HIS B 134 0.41 -3.16 2.95
CA HIS B 134 0.95 -2.43 1.81
C HIS B 134 2.47 -2.35 1.92
N ALA B 135 3.00 -2.26 3.12
CA ALA B 135 4.42 -2.08 3.29
C ALA B 135 5.20 -3.39 3.12
N VAL B 136 4.63 -4.51 3.57
CA VAL B 136 5.18 -5.84 3.27
C VAL B 136 5.34 -6.04 1.73
N THR B 137 4.25 -5.78 1.04
CA THR B 137 4.11 -5.93 -0.37
C THR B 137 5.17 -5.09 -1.08
N TYR B 138 5.27 -3.81 -0.68
CA TYR B 138 6.25 -2.97 -1.33
C TYR B 138 7.67 -3.43 -1.02
N ALA B 139 7.90 -3.88 0.21
CA ALA B 139 9.20 -4.44 0.57
C ALA B 139 9.56 -5.71 -0.21
N HIS B 140 8.62 -6.65 -0.35
CA HIS B 140 8.85 -7.88 -1.11
C HIS B 140 9.16 -7.58 -2.58
N ASN B 141 8.34 -6.74 -3.21
CA ASN B 141 8.49 -6.44 -4.62
C ASN B 141 9.70 -5.57 -4.98
N LEU B 142 10.09 -4.66 -4.10
CA LEU B 142 11.35 -3.94 -4.25
C LEU B 142 12.51 -4.92 -4.35
N LEU B 143 12.53 -5.90 -3.45
CA LEU B 143 13.57 -6.92 -3.51
C LEU B 143 13.60 -7.63 -4.87
N ALA B 144 12.43 -7.96 -5.42
CA ALA B 144 12.35 -8.70 -6.67
C ALA B 144 12.77 -7.77 -7.78
N ALA B 145 12.28 -6.54 -7.72
CA ALA B 145 12.79 -5.50 -8.63
C ALA B 145 14.30 -5.49 -8.70
N MET B 146 14.92 -5.55 -7.52
CA MET B 146 16.37 -5.37 -7.37
C MET B 146 17.10 -6.59 -7.90
N VAL B 147 16.43 -7.74 -7.77
CA VAL B 147 16.90 -8.99 -8.35
C VAL B 147 16.94 -8.94 -9.86
N ASP B 148 15.79 -8.62 -10.46
CA ASP B 148 15.67 -8.57 -11.90
C ASP B 148 16.53 -7.48 -12.47
N ASN B 149 16.67 -6.38 -11.74
CA ASN B 149 17.57 -5.31 -12.16
C ASN B 149 19.02 -5.84 -12.22
N HIS B 150 19.50 -6.42 -11.11
CA HIS B 150 20.84 -7.02 -11.02
C HIS B 150 21.18 -7.98 -12.14
N LEU B 151 20.17 -8.62 -12.73
CA LEU B 151 20.42 -9.43 -13.90
C LEU B 151 20.71 -8.50 -15.05
N GLN B 152 19.82 -7.55 -15.27
CA GLN B 152 20.00 -6.58 -16.35
C GLN B 152 21.38 -5.90 -16.36
N GLN B 153 21.93 -5.59 -15.18
CA GLN B 153 23.17 -4.82 -15.09
C GLN B 153 24.41 -5.73 -15.13
N GLY B 154 24.45 -6.68 -16.05
CA GLY B 154 25.57 -7.61 -16.09
C GLY B 154 25.58 -8.80 -15.15
N ASN B 155 24.66 -8.91 -14.21
CA ASN B 155 24.61 -10.12 -13.43
C ASN B 155 25.99 -10.53 -12.91
N VAL B 156 26.61 -9.60 -12.17
CA VAL B 156 27.92 -9.76 -11.58
C VAL B 156 28.01 -11.02 -10.73
N LEU B 157 26.98 -11.24 -9.92
CA LEU B 157 26.96 -12.39 -9.01
C LEU B 157 26.68 -13.71 -9.73
N ASN B 158 26.42 -13.67 -11.03
CA ASN B 158 26.30 -14.88 -11.83
C ASN B 158 25.13 -15.77 -11.42
N ILE B 159 23.98 -15.13 -11.16
CA ILE B 159 22.76 -15.84 -10.83
C ILE B 159 22.20 -16.50 -12.09
N ASP B 160 21.71 -17.74 -11.95
CA ASP B 160 20.99 -18.43 -13.01
C ASP B 160 19.53 -18.06 -12.87
N PRO B 161 19.00 -17.21 -13.77
CA PRO B 161 17.65 -16.74 -13.54
C PRO B 161 16.63 -17.87 -13.37
N ARG B 162 16.88 -19.03 -13.98
CA ARG B 162 15.91 -20.10 -13.95
C ARG B 162 15.78 -20.75 -12.57
N THR B 163 16.75 -20.50 -11.68
CA THR B 163 16.77 -21.05 -10.31
C THR B 163 16.11 -20.19 -9.23
N ILE B 164 15.79 -18.95 -9.58
CA ILE B 164 15.25 -17.96 -8.64
C ILE B 164 13.98 -18.45 -7.89
N THR B 165 14.06 -18.46 -6.59
CA THR B 165 12.96 -18.88 -5.74
C THR B 165 12.11 -17.66 -5.30
N TRP B 166 12.69 -16.45 -5.29
CA TRP B 166 11.95 -15.24 -4.89
C TRP B 166 10.94 -14.79 -5.92
N ARG B 167 9.66 -14.84 -5.53
CA ARG B 167 8.53 -14.42 -6.36
C ARG B 167 7.99 -13.00 -6.03
N ARG B 168 6.75 -12.69 -6.39
CA ARG B 168 6.21 -11.35 -6.21
C ARG B 168 4.95 -11.47 -5.35
N VAL B 169 4.42 -10.33 -4.90
CA VAL B 169 3.19 -10.40 -4.07
C VAL B 169 2.17 -9.33 -4.34
N ILE B 170 0.95 -9.71 -4.05
CA ILE B 170 -0.16 -8.81 -4.17
C ILE B 170 -1.29 -9.34 -3.28
N ASP B 171 -2.03 -8.47 -2.62
CA ASP B 171 -3.02 -8.92 -1.62
C ASP B 171 -4.45 -8.99 -2.18
N LEU B 172 -4.52 -9.38 -3.45
CA LEU B 172 -5.78 -9.67 -4.15
C LEU B 172 -5.63 -11.11 -4.57
N ASN B 173 -6.77 -11.74 -4.80
CA ASN B 173 -6.78 -13.14 -5.21
C ASN B 173 -6.84 -13.15 -6.72
N ASP B 174 -5.65 -13.25 -7.34
CA ASP B 174 -5.52 -13.17 -8.81
C ASP B 174 -4.86 -14.41 -9.35
N ARG B 175 -5.65 -15.35 -9.86
CA ARG B 175 -5.08 -16.60 -10.34
C ARG B 175 -4.19 -16.38 -11.59
N ALA B 176 -4.51 -15.36 -12.37
CA ALA B 176 -3.76 -15.05 -13.56
C ALA B 176 -2.27 -14.80 -13.31
N LEU B 177 -1.88 -14.41 -12.10
CA LEU B 177 -0.51 -14.09 -11.81
C LEU B 177 0.23 -15.23 -11.12
N ARG B 178 -0.41 -16.41 -11.04
CA ARG B 178 0.26 -17.59 -10.52
C ARG B 178 1.51 -17.95 -11.31
N ASN B 179 1.35 -18.03 -12.62
CA ASN B 179 2.47 -18.39 -13.48
C ASN B 179 2.52 -17.43 -14.63
N ILE B 180 3.61 -16.67 -14.67
CA ILE B 180 3.84 -15.67 -15.70
C ILE B 180 5.27 -15.79 -16.30
N VAL B 181 5.48 -15.16 -17.45
CA VAL B 181 6.82 -14.93 -17.96
C VAL B 181 7.03 -13.44 -17.97
N ILE B 182 8.10 -12.97 -17.33
CA ILE B 182 8.42 -11.56 -17.36
C ILE B 182 9.69 -11.31 -18.16
N GLY B 183 10.05 -10.05 -18.29
CA GLY B 183 11.35 -9.69 -18.83
C GLY B 183 11.41 -9.60 -20.34
N LEU B 184 10.24 -9.41 -20.95
CA LEU B 184 10.17 -9.46 -22.42
C LEU B 184 10.36 -8.11 -23.13
N GLY B 185 10.42 -8.15 -24.45
CA GLY B 185 10.43 -6.93 -25.24
C GLY B 185 11.78 -6.44 -25.70
N GLY B 186 12.89 -7.03 -25.26
CA GLY B 186 14.20 -6.76 -25.85
C GLY B 186 15.30 -6.70 -24.82
N LYS B 187 16.48 -6.30 -25.28
CA LYS B 187 17.66 -6.14 -24.42
C LYS B 187 17.56 -4.90 -23.51
N ALA B 188 16.68 -3.97 -23.87
CA ALA B 188 16.39 -2.83 -23.02
C ALA B 188 15.54 -3.20 -21.83
N ASN B 189 14.76 -4.28 -21.93
CA ASN B 189 13.66 -4.51 -20.98
C ASN B 189 13.84 -5.60 -19.96
N GLY B 190 15.07 -6.03 -19.75
CA GLY B 190 15.34 -7.13 -18.86
C GLY B 190 15.60 -8.45 -19.55
N VAL B 191 15.48 -9.50 -18.74
CA VAL B 191 15.91 -10.83 -19.06
C VAL B 191 14.70 -11.76 -18.95
N PRO B 192 14.31 -12.40 -20.05
CA PRO B 192 13.09 -13.21 -19.93
C PRO B 192 13.19 -14.30 -18.88
N ARG B 193 12.16 -14.38 -18.04
CA ARG B 193 12.12 -15.52 -17.15
C ARG B 193 10.77 -15.88 -16.62
N GLU B 194 10.71 -17.12 -16.19
CA GLU B 194 9.52 -17.68 -15.67
C GLU B 194 9.49 -17.34 -14.17
N THR B 195 8.34 -16.85 -13.70
CA THR B 195 8.13 -16.53 -12.28
C THR B 195 6.63 -16.43 -11.96
N GLY B 196 6.25 -15.70 -10.93
CA GLY B 196 4.83 -15.46 -10.67
C GLY B 196 4.61 -14.68 -9.39
N PHE B 197 3.36 -14.63 -8.94
CA PHE B 197 2.90 -13.92 -7.73
C PHE B 197 2.21 -14.80 -6.68
N ASP B 198 2.52 -14.55 -5.40
CA ASP B 198 1.71 -15.10 -4.32
C ASP B 198 0.97 -14.00 -3.58
N ILE B 199 -0.03 -14.40 -2.82
CA ILE B 199 -0.75 -13.48 -1.94
C ILE B 199 0.22 -12.91 -0.89
N SER B 200 0.17 -11.60 -0.69
CA SER B 200 1.13 -10.86 0.18
C SER B 200 1.25 -11.43 1.61
N VAL B 201 0.15 -11.86 2.21
CA VAL B 201 0.24 -12.48 3.54
C VAL B 201 1.14 -13.71 3.61
N ALA B 202 1.39 -14.34 2.47
CA ALA B 202 2.25 -15.52 2.38
C ALA B 202 3.71 -15.13 2.20
N SER B 203 3.98 -13.84 2.16
CA SER B 203 5.33 -13.36 1.93
C SER B 203 6.18 -13.81 3.06
N GLU B 204 7.41 -14.21 2.76
CA GLU B 204 8.40 -14.44 3.80
C GLU B 204 8.55 -13.11 4.55
N VAL B 205 8.45 -11.99 3.85
CA VAL B 205 8.57 -10.72 4.54
C VAL B 205 7.54 -10.60 5.67
N MET B 206 6.31 -11.06 5.43
CA MET B 206 5.25 -11.05 6.47
C MET B 206 5.62 -11.96 7.61
N ALA B 207 6.22 -13.10 7.27
CA ALA B 207 6.72 -14.02 8.27
C ALA B 207 7.79 -13.35 9.11
N CYS B 208 8.70 -12.59 8.50
CA CYS B 208 9.75 -11.90 9.25
C CYS B 208 9.15 -10.83 10.16
N LEU B 209 8.25 -10.00 9.66
CA LEU B 209 7.57 -9.01 10.52
C LEU B 209 7.07 -9.65 11.80
N CYS B 210 6.52 -10.84 11.68
CA CYS B 210 5.90 -11.55 12.81
C CYS B 210 6.86 -12.33 13.75
N LEU B 211 8.13 -12.44 13.38
CA LEU B 211 9.13 -13.16 14.22
C LEU B 211 10.37 -12.31 14.51
N ALA B 212 10.23 -11.00 14.46
CA ALA B 212 11.36 -10.13 14.67
C ALA B 212 11.29 -9.54 16.09
N SER B 213 12.44 -9.36 16.70
CA SER B 213 12.48 -8.80 18.06
C SER B 213 12.33 -7.29 17.99
N ASP B 214 13.00 -6.67 17.01
CA ASP B 214 12.89 -5.24 16.76
C ASP B 214 13.26 -4.94 15.31
N LEU B 215 13.28 -3.67 14.94
CA LEU B 215 13.60 -3.28 13.58
C LEU B 215 14.98 -3.74 13.09
N MET B 216 16.00 -3.70 13.95
CA MET B 216 17.35 -4.17 13.55
C MET B 216 17.46 -5.68 13.33
N ASP B 217 16.63 -6.43 14.05
CA ASP B 217 16.52 -7.85 13.86
C ASP B 217 15.71 -8.11 12.58
N LEU B 218 14.68 -7.29 12.30
CA LEU B 218 13.94 -7.39 11.05
C LEU B 218 14.87 -7.20 9.87
N LYS B 219 15.79 -6.23 9.99
CA LYS B 219 16.76 -5.95 8.95
C LYS B 219 17.75 -7.10 8.73
N GLU B 220 18.29 -7.70 9.80
CA GLU B 220 19.24 -8.81 9.62
C GLU B 220 18.53 -10.00 8.97
N ARG B 221 17.30 -10.25 9.38
CA ARG B 221 16.57 -11.35 8.78
C ARG B 221 16.50 -11.10 7.27
N PHE B 222 15.98 -9.92 6.89
CA PHE B 222 15.91 -9.52 5.48
C PHE B 222 17.20 -9.88 4.76
N SER B 223 18.33 -9.45 5.28
CA SER B 223 19.61 -9.73 4.64
C SER B 223 19.92 -11.22 4.43
N ARG B 224 19.33 -12.10 5.26
CA ARG B 224 19.60 -13.55 5.19
C ARG B 224 18.77 -14.29 4.11
N ILE B 225 17.75 -13.63 3.57
CA ILE B 225 16.81 -14.27 2.64
C ILE B 225 17.52 -14.87 1.40
N VAL B 226 16.97 -15.98 0.90
CA VAL B 226 17.48 -16.62 -0.30
C VAL B 226 16.54 -16.34 -1.47
N VAL B 227 17.12 -15.65 -2.45
CA VAL B 227 16.42 -15.18 -3.64
C VAL B 227 16.70 -16.17 -4.79
N GLY B 228 17.89 -16.75 -4.81
CA GLY B 228 18.19 -17.77 -5.80
C GLY B 228 19.64 -18.19 -5.71
N TYR B 229 20.10 -18.94 -6.72
CA TYR B 229 21.46 -19.52 -6.75
C TYR B 229 22.27 -19.17 -8.00
N THR B 230 23.58 -19.12 -7.84
CA THR B 230 24.47 -18.97 -9.01
C THR B 230 24.49 -20.21 -9.92
N TYR B 231 25.17 -20.09 -11.04
CA TYR B 231 25.32 -21.20 -11.98
C TYR B 231 26.04 -22.40 -11.36
N ASP B 232 26.84 -22.16 -10.32
CA ASP B 232 27.53 -23.22 -9.58
C ASP B 232 26.73 -23.84 -8.41
N GLY B 233 25.61 -23.22 -8.04
CA GLY B 233 24.84 -23.65 -6.87
C GLY B 233 25.08 -22.84 -5.58
N LYS B 234 25.99 -21.85 -5.60
CA LYS B 234 26.17 -20.96 -4.42
C LYS B 234 24.90 -20.11 -4.21
N PRO B 235 24.41 -20.03 -2.96
CA PRO B 235 23.17 -19.29 -2.77
C PRO B 235 23.40 -17.79 -2.74
N VAL B 236 22.46 -17.03 -3.31
CA VAL B 236 22.49 -15.58 -3.28
C VAL B 236 21.39 -15.03 -2.35
N THR B 237 21.70 -13.97 -1.62
CA THR B 237 20.77 -13.43 -0.63
C THR B 237 20.43 -12.00 -0.91
N ALA B 238 19.35 -11.57 -0.25
CA ALA B 238 18.95 -10.17 -0.20
C ALA B 238 20.12 -9.26 0.20
N GLY B 239 20.97 -9.73 1.11
CA GLY B 239 22.17 -8.99 1.54
C GLY B 239 23.30 -8.98 0.49
N ASP B 240 23.40 -10.05 -0.28
CA ASP B 240 24.28 -10.01 -1.43
C ASP B 240 23.85 -8.88 -2.38
N LEU B 241 22.57 -8.54 -2.34
CA LEU B 241 22.04 -7.47 -3.18
C LEU B 241 21.98 -6.11 -2.49
N GLU B 242 22.23 -6.07 -1.18
CA GLU B 242 22.21 -4.83 -0.42
C GLU B 242 20.79 -4.28 -0.37
N ALA B 243 19.84 -5.19 -0.21
CA ALA B 243 18.42 -4.85 -0.17
C ALA B 243 17.89 -4.48 1.22
N GLN B 244 18.59 -4.95 2.26
CA GLN B 244 18.02 -5.04 3.61
C GLN B 244 17.65 -3.72 4.24
N GLY B 245 18.35 -2.66 3.85
CA GLY B 245 18.18 -1.35 4.48
C GLY B 245 16.91 -0.73 3.98
N SER B 246 16.80 -0.75 2.65
CA SER B 246 15.64 -0.23 1.97
C SER B 246 14.37 -0.93 2.42
N MET B 247 14.45 -2.24 2.61
CA MET B 247 13.28 -3.01 3.01
C MET B 247 12.91 -2.72 4.48
N ALA B 248 13.93 -2.53 5.32
CA ALA B 248 13.70 -2.20 6.72
C ALA B 248 13.05 -0.85 6.78
N LEU B 249 13.58 0.10 6.03
CA LEU B 249 13.05 1.48 6.02
C LEU B 249 11.60 1.49 5.61
N LEU B 250 11.23 0.64 4.66
CA LEU B 250 9.86 0.59 4.18
C LEU B 250 8.89 0.00 5.19
N MET B 251 9.43 -0.66 6.22
CA MET B 251 8.68 -1.21 7.34
C MET B 251 8.77 -0.44 8.68
N LYS B 252 9.30 0.79 8.72
CA LYS B 252 9.55 1.42 10.02
C LYS B 252 8.28 1.70 10.81
N ASP B 253 7.16 1.98 10.15
CA ASP B 253 5.86 2.06 10.84
C ASP B 253 5.13 0.72 10.96
N ALA B 254 5.46 -0.22 10.10
CA ALA B 254 4.76 -1.50 10.04
C ALA B 254 5.14 -2.38 11.20
N ILE B 255 6.37 -2.18 11.66
CA ILE B 255 6.91 -2.91 12.80
C ILE B 255 6.19 -2.55 14.14
N LYS B 256 5.38 -1.48 14.17
CA LYS B 256 4.72 -1.07 15.40
C LYS B 256 3.32 -1.62 15.49
N PRO B 257 3.00 -2.29 16.60
CA PRO B 257 1.71 -2.93 16.71
C PRO B 257 0.60 -1.93 16.76
N ASN B 258 -0.59 -2.34 16.34
CA ASN B 258 -1.71 -1.43 16.20
C ASN B 258 -2.67 -1.66 17.31
N LEU B 259 -2.95 -0.63 18.07
CA LEU B 259 -3.84 -0.73 19.21
C LEU B 259 -5.28 -0.47 18.76
N VAL B 260 -6.16 -1.39 19.12
CA VAL B 260 -7.61 -1.24 18.91
C VAL B 260 -8.34 -1.73 20.20
N GLN B 261 -9.58 -2.20 20.07
CA GLN B 261 -10.36 -2.58 21.24
C GLN B 261 -11.53 -3.50 20.91
N THR B 262 -12.12 -4.12 21.95
CA THR B 262 -13.33 -4.93 21.78
C THR B 262 -14.60 -4.07 21.85
N LEU B 263 -15.75 -4.68 21.58
CA LEU B 263 -17.04 -3.98 21.73
C LEU B 263 -17.23 -3.39 23.14
N GLU B 264 -16.51 -3.96 24.10
CA GLU B 264 -16.59 -3.60 25.49
C GLU B 264 -15.33 -2.88 25.90
N ASN B 265 -14.64 -2.30 24.94
CA ASN B 265 -13.54 -1.41 25.23
C ASN B 265 -12.32 -2.06 25.93
N THR B 266 -12.21 -3.40 25.95
CA THR B 266 -10.94 -4.00 26.39
C THR B 266 -9.85 -3.78 25.31
N PRO B 267 -8.64 -3.40 25.75
CA PRO B 267 -7.60 -3.13 24.75
C PRO B 267 -7.16 -4.36 23.94
N ALA B 268 -6.92 -4.13 22.64
CA ALA B 268 -6.52 -5.19 21.71
C ALA B 268 -5.41 -4.70 20.82
N PHE B 269 -4.45 -5.59 20.56
CA PHE B 269 -3.45 -5.40 19.53
C PHE B 269 -3.85 -6.21 18.30
N ILE B 270 -3.63 -5.69 17.10
CA ILE B 270 -3.72 -6.45 15.84
C ILE B 270 -2.45 -6.18 15.08
N HIS B 271 -1.71 -7.22 14.75
CA HIS B 271 -0.38 -7.04 14.20
C HIS B 271 0.24 -8.30 13.59
N GLY B 272 0.50 -8.21 12.29
CA GLY B 272 0.92 -9.32 11.49
C GLY B 272 -0.25 -10.18 11.07
N GLY B 273 0.02 -11.10 10.15
CA GLY B 273 -1.00 -12.04 9.70
C GLY B 273 -0.50 -12.95 8.64
N PRO B 274 0.41 -13.87 9.00
CA PRO B 274 1.04 -14.80 8.07
C PRO B 274 0.20 -16.05 7.78
N PHE B 275 0.65 -16.87 6.85
CA PHE B 275 0.03 -18.19 6.58
C PHE B 275 0.36 -19.13 7.72
N ALA B 276 -0.55 -20.07 8.01
CA ALA B 276 -0.35 -21.08 9.08
C ALA B 276 0.15 -22.44 8.58
N ASN B 277 0.35 -22.58 7.26
CA ASN B 277 0.93 -23.79 6.64
C ASN B 277 2.40 -23.60 6.23
N ILE B 278 2.66 -22.73 5.25
CA ILE B 278 4.03 -22.46 4.83
C ILE B 278 4.70 -21.49 5.79
N ALA B 279 3.98 -21.18 6.87
CA ALA B 279 4.44 -20.30 7.93
C ALA B 279 3.64 -20.65 9.18
N HIS B 280 3.86 -19.90 10.28
CA HIS B 280 3.54 -20.32 11.65
C HIS B 280 2.19 -19.91 12.23
N GLY B 281 1.53 -18.92 11.66
CA GLY B 281 0.12 -18.69 12.00
C GLY B 281 -0.21 -17.83 13.23
N CYS B 282 0.77 -17.07 13.70
CA CYS B 282 0.59 -16.19 14.86
C CYS B 282 0.60 -14.72 14.48
N ASN B 283 0.12 -13.89 15.41
CA ASN B 283 0.39 -12.45 15.33
C ASN B 283 1.87 -12.23 15.64
N SER B 284 2.33 -10.98 15.66
CA SER B 284 3.76 -10.73 15.80
C SER B 284 4.25 -10.98 17.21
N ILE B 285 5.57 -11.08 17.33
CA ILE B 285 6.21 -11.26 18.61
C ILE B 285 6.21 -9.91 19.29
N ILE B 286 6.42 -8.88 18.49
CA ILE B 286 6.44 -7.53 19.02
C ILE B 286 5.20 -7.21 19.87
N ALA B 287 4.03 -7.54 19.36
CA ALA B 287 2.76 -7.21 20.01
C ALA B 287 2.55 -8.03 21.26
N THR B 288 2.83 -9.32 21.18
CA THR B 288 2.57 -10.21 22.29
C THR B 288 3.53 -9.86 23.42
N LYS B 289 4.79 -9.61 23.10
CA LYS B 289 5.74 -9.26 24.15
C LYS B 289 5.44 -7.90 24.77
N THR B 290 4.94 -6.98 23.96
CA THR B 290 4.56 -5.66 24.46
C THR B 290 3.33 -5.81 25.35
N ALA B 291 2.33 -6.56 24.88
CA ALA B 291 1.14 -6.80 25.67
C ALA B 291 1.52 -7.38 27.05
N LEU B 292 2.54 -8.26 27.09
CA LEU B 292 2.99 -8.90 28.33
C LEU B 292 3.49 -7.97 29.44
N LYS B 293 4.11 -6.86 29.03
CA LYS B 293 4.57 -5.85 29.95
C LYS B 293 3.47 -4.87 30.25
N LEU B 294 2.44 -4.80 29.43
CA LEU B 294 1.35 -3.88 29.67
C LEU B 294 0.18 -4.51 30.40
N ALA B 295 0.19 -5.83 30.54
CA ALA B 295 -0.95 -6.46 31.18
C ALA B 295 -0.54 -7.59 32.11
N ASP B 296 -1.50 -8.00 32.92
CA ASP B 296 -1.29 -9.12 33.82
C ASP B 296 -1.63 -10.39 33.06
N TYR B 297 -2.60 -10.27 32.17
CA TYR B 297 -3.04 -11.38 31.35
C TYR B 297 -2.98 -10.98 29.89
N VAL B 298 -2.37 -11.83 29.07
CA VAL B 298 -2.39 -11.66 27.60
C VAL B 298 -3.07 -12.89 27.02
N VAL B 299 -4.09 -12.67 26.20
CA VAL B 299 -4.75 -13.72 25.44
C VAL B 299 -4.34 -13.54 23.98
N THR B 300 -3.73 -14.55 23.38
CA THR B 300 -3.46 -14.52 21.94
C THR B 300 -3.94 -15.84 21.32
N GLU B 301 -3.73 -16.03 20.03
CA GLU B 301 -4.16 -17.27 19.35
C GLU B 301 -3.26 -17.63 18.18
N ALA B 302 -3.61 -18.72 17.48
CA ALA B 302 -2.88 -19.24 16.33
C ALA B 302 -3.80 -19.98 15.33
N GLY B 303 -3.40 -19.95 14.06
CA GLY B 303 -4.21 -20.46 12.99
C GLY B 303 -4.31 -21.97 12.97
N PHE B 304 -5.33 -22.44 12.26
CA PHE B 304 -5.68 -23.87 12.13
C PHE B 304 -5.86 -24.58 13.48
N GLY B 305 -5.83 -25.92 13.49
CA GLY B 305 -5.89 -26.69 14.74
C GLY B 305 -4.60 -26.62 15.56
N ALA B 306 -4.63 -27.22 16.76
CA ALA B 306 -3.45 -27.22 17.61
C ALA B 306 -2.28 -28.09 17.07
N ASP B 307 -2.57 -29.02 16.16
CA ASP B 307 -1.51 -29.81 15.49
C ASP B 307 -0.56 -28.95 14.66
N LEU B 308 -1.08 -27.79 14.24
CA LEU B 308 -0.35 -26.89 13.37
C LEU B 308 -0.01 -25.57 14.06
N GLY B 309 -1.04 -24.78 14.40
CA GLY B 309 -0.84 -23.46 14.99
C GLY B 309 -0.14 -23.58 16.32
N ALA B 310 -0.83 -24.21 17.27
CA ALA B 310 -0.29 -24.40 18.61
C ALA B 310 1.12 -25.00 18.54
N GLU B 311 1.29 -26.04 17.75
CA GLU B 311 2.60 -26.70 17.70
C GLU B 311 3.70 -25.70 17.26
N LYS B 312 3.38 -24.89 16.26
CA LYS B 312 4.31 -23.87 15.74
C LYS B 312 4.46 -22.70 16.68
N PHE B 313 3.35 -22.29 17.26
CA PHE B 313 3.37 -21.28 18.31
C PHE B 313 4.43 -21.68 19.32
N TYR B 314 4.31 -22.89 19.85
CA TYR B 314 5.27 -23.34 20.85
C TYR B 314 6.66 -23.51 20.26
N ASP B 315 6.76 -24.17 19.10
CA ASP B 315 8.05 -24.60 18.56
C ASP B 315 8.80 -23.53 17.79
N VAL B 316 8.10 -22.52 17.27
CA VAL B 316 8.77 -21.39 16.60
C VAL B 316 8.73 -20.10 17.42
N LYS B 317 7.53 -19.54 17.62
CA LYS B 317 7.38 -18.21 18.23
C LYS B 317 7.95 -18.17 19.63
N CYS B 318 7.44 -19.04 20.50
CA CYS B 318 7.87 -19.06 21.88
C CYS B 318 9.37 -19.29 21.99
N ARG B 319 9.89 -20.27 21.25
CA ARG B 319 11.33 -20.51 21.16
C ARG B 319 12.13 -19.23 20.84
N TYR B 320 11.68 -18.45 19.85
CA TYR B 320 12.37 -17.20 19.43
C TYR B 320 12.26 -16.07 20.49
N ALA B 321 11.08 -15.96 21.08
CA ALA B 321 10.78 -14.83 21.93
C ALA B 321 11.23 -15.13 23.35
N GLY B 322 11.41 -16.41 23.68
CA GLY B 322 11.68 -16.82 25.06
C GLY B 322 10.43 -16.78 25.91
N PHE B 323 9.26 -17.00 25.31
CA PHE B 323 7.99 -17.01 26.05
C PHE B 323 7.73 -18.37 26.69
N LYS B 324 7.08 -18.35 27.85
CA LYS B 324 6.69 -19.55 28.58
C LYS B 324 5.16 -19.53 28.76
N PRO B 325 4.40 -19.95 27.73
CA PRO B 325 2.93 -19.92 27.85
C PRO B 325 2.46 -20.54 29.16
N ASP B 326 1.53 -19.86 29.82
CA ASP B 326 1.09 -20.25 31.16
C ASP B 326 -0.19 -21.09 31.12
N ALA B 327 -0.96 -20.97 30.05
CA ALA B 327 -2.08 -21.87 29.82
C ALA B 327 -2.48 -21.85 28.35
N THR B 328 -3.37 -22.77 27.97
CA THR B 328 -3.88 -22.89 26.62
C THR B 328 -5.32 -23.38 26.63
N VAL B 329 -6.20 -22.64 26.00
CA VAL B 329 -7.57 -23.09 25.81
C VAL B 329 -7.66 -23.86 24.49
N ILE B 330 -8.53 -24.85 24.46
CA ILE B 330 -8.86 -25.56 23.22
C ILE B 330 -10.36 -25.42 22.93
N VAL B 331 -10.69 -24.89 21.76
CA VAL B 331 -12.10 -24.70 21.42
C VAL B 331 -12.67 -25.96 20.76
N ALA B 332 -13.97 -26.17 20.96
CA ALA B 332 -14.70 -27.23 20.27
C ALA B 332 -16.19 -26.89 20.18
N THR B 333 -16.87 -27.49 19.20
CA THR B 333 -18.32 -27.43 19.07
C THR B 333 -18.89 -28.85 19.04
N VAL B 334 -20.16 -28.98 19.39
CA VAL B 334 -20.88 -30.25 19.25
C VAL B 334 -21.14 -30.54 17.77
N ARG B 335 -21.50 -29.50 17.02
CA ARG B 335 -21.60 -29.57 15.56
C ARG B 335 -20.30 -30.15 14.99
N ALA B 336 -19.19 -29.43 15.15
CA ALA B 336 -17.91 -29.84 14.55
C ALA B 336 -17.52 -31.23 14.97
N LEU B 337 -17.79 -31.58 16.22
CA LEU B 337 -17.37 -32.89 16.71
C LEU B 337 -18.14 -34.03 16.03
N LYS B 338 -19.42 -33.80 15.76
CA LYS B 338 -20.23 -34.81 15.08
C LYS B 338 -19.77 -35.09 13.64
N MET B 339 -19.35 -34.05 12.91
CA MET B 339 -18.77 -34.23 11.58
C MET B 339 -17.62 -35.22 11.59
N HIS B 340 -16.72 -35.07 12.57
CA HIS B 340 -15.60 -36.01 12.79
C HIS B 340 -16.08 -37.44 13.12
N GLY B 341 -17.36 -37.56 13.47
CA GLY B 341 -18.03 -38.85 13.57
C GLY B 341 -18.91 -39.17 12.36
N GLY B 342 -18.53 -38.68 11.20
CA GLY B 342 -19.18 -39.08 9.94
C GLY B 342 -20.53 -38.46 9.57
N VAL B 343 -21.10 -37.64 10.45
CA VAL B 343 -22.34 -36.94 10.11
C VAL B 343 -22.03 -35.87 9.07
N PRO B 344 -22.85 -35.78 8.00
CA PRO B 344 -22.60 -34.74 6.98
C PRO B 344 -23.27 -33.40 7.31
N LYS B 345 -22.71 -32.31 6.77
CA LYS B 345 -23.14 -30.92 7.09
C LYS B 345 -24.65 -30.71 7.00
N SER B 346 -25.28 -31.42 6.05
CA SER B 346 -26.74 -31.49 5.94
C SER B 346 -27.43 -31.81 7.28
N ASP B 347 -26.97 -32.86 7.95
CA ASP B 347 -27.66 -33.43 9.11
C ASP B 347 -27.15 -32.95 10.49
N LEU B 348 -26.48 -31.80 10.55
CA LEU B 348 -25.84 -31.35 11.80
C LEU B 348 -26.79 -30.94 12.93
N ALA B 349 -28.03 -30.58 12.56
CA ALA B 349 -29.05 -30.19 13.55
C ALA B 349 -29.76 -31.39 14.21
N THR B 350 -29.85 -32.53 13.53
CA THR B 350 -30.38 -33.73 14.16
C THR B 350 -29.44 -34.16 15.29
N GLU B 351 -29.98 -34.30 16.51
CA GLU B 351 -29.23 -34.84 17.65
C GLU B 351 -28.56 -36.18 17.29
N ASN B 352 -27.35 -36.41 17.80
CA ASN B 352 -26.65 -37.66 17.57
C ASN B 352 -25.60 -37.93 18.63
N LEU B 353 -26.05 -38.47 19.75
CA LEU B 353 -25.18 -38.82 20.87
C LEU B 353 -24.10 -39.81 20.44
N GLU B 354 -24.45 -40.73 19.55
CA GLU B 354 -23.48 -41.72 19.11
C GLU B 354 -22.34 -41.06 18.37
N ALA B 355 -22.66 -40.19 17.42
CA ALA B 355 -21.67 -39.52 16.61
C ALA B 355 -20.72 -38.65 17.45
N LEU B 356 -21.28 -38.00 18.46
CA LEU B 356 -20.53 -37.06 19.31
C LEU B 356 -19.41 -37.77 20.10
N ARG B 357 -19.68 -38.98 20.57
CA ARG B 357 -18.68 -39.77 21.29
C ARG B 357 -17.51 -40.16 20.37
N GLU B 358 -17.82 -40.61 19.15
CA GLU B 358 -16.80 -41.04 18.21
C GLU B 358 -15.95 -39.83 17.84
N GLY B 359 -16.61 -38.79 17.35
CA GLY B 359 -15.94 -37.54 17.03
C GLY B 359 -15.10 -36.95 18.14
N PHE B 360 -15.40 -37.29 19.39
CA PHE B 360 -14.62 -36.81 20.54
C PHE B 360 -13.13 -37.15 20.41
N ALA B 361 -12.83 -38.29 19.81
CA ALA B 361 -11.44 -38.73 19.58
C ALA B 361 -10.54 -37.61 19.01
N ASN B 362 -11.13 -36.71 18.22
CA ASN B 362 -10.38 -35.59 17.69
C ASN B 362 -9.87 -34.69 18.78
N LEU B 363 -10.78 -34.32 19.67
CA LEU B 363 -10.46 -33.43 20.76
C LEU B 363 -9.52 -34.08 21.76
N GLU B 364 -9.75 -35.37 22.02
CA GLU B 364 -8.97 -36.12 23.01
C GLU B 364 -7.49 -36.11 22.66
N LYS B 365 -7.22 -36.29 21.38
CA LYS B 365 -5.87 -36.25 20.86
C LYS B 365 -5.23 -34.87 21.05
N HIS B 366 -5.95 -33.80 20.73
CA HIS B 366 -5.35 -32.48 20.86
C HIS B 366 -4.95 -32.25 22.32
N ILE B 367 -5.82 -32.64 23.24
CA ILE B 367 -5.55 -32.41 24.64
C ILE B 367 -4.25 -33.10 25.04
N GLU B 368 -4.13 -34.36 24.65
CA GLU B 368 -2.92 -35.13 24.88
C GLU B 368 -1.73 -34.35 24.34
N ASN B 369 -1.84 -33.89 23.10
CA ASN B 369 -0.72 -33.20 22.45
C ASN B 369 -0.32 -31.96 23.20
N ILE B 370 -1.30 -31.12 23.52
CA ILE B 370 -1.04 -29.95 24.33
C ILE B 370 -0.33 -30.40 25.62
N GLY B 371 -0.73 -31.56 26.16
CA GLY B 371 -0.05 -32.13 27.29
C GLY B 371 1.45 -32.15 27.08
N LYS B 372 1.86 -32.64 25.91
CA LYS B 372 3.27 -32.89 25.60
C LYS B 372 4.22 -31.68 25.82
N PHE B 373 3.69 -30.47 25.75
CA PHE B 373 4.50 -29.27 25.93
C PHE B 373 4.55 -28.81 27.39
N GLY B 374 3.80 -29.47 28.27
CA GLY B 374 3.78 -29.07 29.69
C GLY B 374 2.99 -27.80 29.93
N VAL B 375 1.90 -27.65 29.19
CA VAL B 375 1.06 -26.49 29.32
C VAL B 375 -0.29 -27.00 29.79
N PRO B 376 -0.86 -26.36 30.84
CA PRO B 376 -2.16 -26.80 31.33
C PRO B 376 -3.32 -26.40 30.42
N ALA B 377 -3.96 -27.40 29.83
CA ALA B 377 -5.06 -27.19 28.91
C ALA B 377 -6.34 -26.74 29.60
N VAL B 378 -7.23 -26.15 28.82
CA VAL B 378 -8.65 -26.05 29.21
C VAL B 378 -9.51 -26.13 27.97
N VAL B 379 -10.46 -27.04 27.96
CA VAL B 379 -11.45 -27.08 26.90
C VAL B 379 -12.53 -25.99 27.07
N ALA B 380 -12.85 -25.31 25.98
CA ALA B 380 -13.92 -24.32 25.93
C ALA B 380 -14.93 -24.70 24.85
N ILE B 381 -16.15 -25.00 25.28
CA ILE B 381 -17.18 -25.42 24.34
C ILE B 381 -17.85 -24.18 23.80
N ASN B 382 -17.82 -24.00 22.49
CA ASN B 382 -18.59 -22.92 21.92
C ASN B 382 -20.04 -23.38 21.85
N ALA B 383 -20.88 -22.70 22.62
CA ALA B 383 -22.30 -22.98 22.67
C ALA B 383 -22.93 -22.68 21.32
N PHE B 384 -23.80 -23.59 20.87
CA PHE B 384 -24.57 -23.42 19.63
C PHE B 384 -26.08 -23.69 19.87
N PRO B 385 -26.98 -22.85 19.34
CA PRO B 385 -28.43 -22.90 19.66
C PRO B 385 -29.20 -24.23 19.43
N THR B 386 -28.74 -25.07 18.50
CA THR B 386 -29.40 -26.36 18.21
C THR B 386 -28.77 -27.56 18.94
N ASP B 387 -27.84 -27.30 19.86
CA ASP B 387 -27.20 -28.35 20.65
C ASP B 387 -28.12 -28.76 21.79
N THR B 388 -28.47 -30.05 21.85
CA THR B 388 -29.31 -30.54 22.94
C THR B 388 -28.50 -30.65 24.20
N GLU B 389 -29.22 -30.67 25.33
CA GLU B 389 -28.58 -30.83 26.64
C GLU B 389 -27.89 -32.20 26.79
N ALA B 390 -28.53 -33.26 26.32
CA ALA B 390 -27.93 -34.58 26.40
C ALA B 390 -26.51 -34.52 25.84
N GLU B 391 -26.41 -34.00 24.61
CA GLU B 391 -25.14 -33.84 23.91
C GLU B 391 -24.08 -33.16 24.78
N LEU B 392 -24.35 -31.91 25.16
CA LEU B 392 -23.41 -31.09 25.94
C LEU B 392 -22.89 -31.83 27.18
N ASN B 393 -23.81 -32.26 28.04
CA ASN B 393 -23.45 -33.03 29.22
C ASN B 393 -22.50 -34.19 28.89
N LEU B 394 -22.83 -34.94 27.85
CA LEU B 394 -21.98 -36.04 27.42
C LEU B 394 -20.58 -35.55 27.10
N LEU B 395 -20.49 -34.37 26.48
CA LEU B 395 -19.21 -33.78 26.12
C LEU B 395 -18.44 -33.42 27.39
N TYR B 396 -19.06 -32.59 28.21
CA TYR B 396 -18.56 -32.22 29.55
C TYR B 396 -17.94 -33.47 30.18
N GLU B 397 -18.73 -34.54 30.30
CA GLU B 397 -18.30 -35.78 30.92
C GLU B 397 -17.02 -36.35 30.31
N LEU B 398 -17.01 -36.39 28.97
CA LEU B 398 -15.94 -37.06 28.22
C LEU B 398 -14.60 -36.36 28.36
N CYS B 399 -14.65 -35.02 28.44
CA CYS B 399 -13.49 -34.21 28.82
C CYS B 399 -12.96 -34.52 30.22
N ALA B 400 -13.87 -34.71 31.16
CA ALA B 400 -13.50 -35.08 32.53
C ALA B 400 -12.94 -36.50 32.58
N LYS B 401 -13.55 -37.42 31.82
CA LYS B 401 -13.03 -38.80 31.73
C LYS B 401 -11.64 -38.78 31.12
N ALA B 402 -11.35 -37.74 30.34
CA ALA B 402 -10.02 -37.49 29.77
C ALA B 402 -9.20 -36.56 30.66
N GLY B 403 -9.70 -36.30 31.87
CA GLY B 403 -9.00 -35.49 32.85
C GLY B 403 -8.73 -34.07 32.41
N ALA B 404 -9.74 -33.43 31.82
CA ALA B 404 -9.58 -32.07 31.28
C ALA B 404 -10.63 -31.12 31.84
N GLU B 405 -10.20 -29.94 32.28
CA GLU B 405 -11.12 -28.91 32.73
C GLU B 405 -11.90 -28.44 31.52
N VAL B 406 -13.20 -28.19 31.69
CA VAL B 406 -14.08 -27.79 30.58
C VAL B 406 -15.13 -26.77 30.99
N ALA B 407 -15.45 -25.82 30.12
CA ALA B 407 -16.44 -24.78 30.43
C ALA B 407 -17.41 -24.54 29.28
N LEU B 408 -18.59 -24.02 29.61
CA LEU B 408 -19.53 -23.55 28.59
C LEU B 408 -19.21 -22.09 28.26
N SER B 409 -19.08 -21.79 26.96
CA SER B 409 -18.88 -20.43 26.48
C SER B 409 -20.06 -20.03 25.59
N GLU B 410 -20.75 -18.94 25.98
CA GLU B 410 -21.84 -18.37 25.19
C GLU B 410 -21.44 -16.92 24.88
N VAL B 411 -20.13 -16.70 24.68
CA VAL B 411 -19.63 -15.34 24.38
C VAL B 411 -20.14 -14.80 23.04
N TRP B 412 -20.46 -15.69 22.11
CA TRP B 412 -21.08 -15.26 20.88
C TRP B 412 -22.37 -14.48 21.14
N ALA B 413 -23.27 -15.09 21.90
CA ALA B 413 -24.60 -14.50 22.15
C ALA B 413 -24.60 -13.37 23.20
N LYS B 414 -23.82 -13.49 24.28
CA LYS B 414 -23.99 -12.62 25.46
C LYS B 414 -22.80 -11.73 25.88
N GLY B 415 -21.67 -11.87 25.20
CA GLY B 415 -20.52 -11.01 25.43
C GLY B 415 -19.74 -11.43 26.64
N GLY B 416 -18.95 -10.50 27.20
CA GLY B 416 -18.16 -10.75 28.42
C GLY B 416 -18.85 -11.61 29.48
N GLU B 417 -20.17 -11.47 29.61
CA GLU B 417 -21.03 -12.29 30.50
C GLU B 417 -21.11 -13.81 30.15
N GLY B 418 -20.98 -14.16 28.86
CA GLY B 418 -20.96 -15.56 28.44
C GLY B 418 -19.60 -16.21 28.55
N GLY B 419 -18.58 -15.42 28.91
CA GLY B 419 -17.19 -15.91 29.03
C GLY B 419 -16.71 -16.14 30.45
N LEU B 420 -17.55 -15.73 31.40
CA LEU B 420 -17.21 -15.70 32.83
C LEU B 420 -16.86 -17.07 33.37
N GLU B 421 -17.71 -18.05 33.06
CA GLU B 421 -17.48 -19.43 33.48
C GLU B 421 -16.07 -19.88 33.04
N LEU B 422 -15.70 -19.55 31.79
CA LEU B 422 -14.46 -20.05 31.19
C LEU B 422 -13.28 -19.32 31.79
N ALA B 423 -13.41 -18.00 31.80
CA ALA B 423 -12.44 -17.15 32.48
C ALA B 423 -12.11 -17.69 33.86
N ARG B 424 -13.14 -18.00 34.63
CA ARG B 424 -12.88 -18.45 36.00
C ARG B 424 -12.04 -19.71 35.98
N LYS B 425 -12.36 -20.65 35.08
CA LYS B 425 -11.60 -21.91 34.98
C LYS B 425 -10.17 -21.66 34.53
N VAL B 426 -9.98 -20.61 33.72
CA VAL B 426 -8.65 -20.18 33.33
C VAL B 426 -7.89 -19.65 34.55
N LEU B 427 -8.44 -18.63 35.22
CA LEU B 427 -7.83 -18.11 36.47
C LEU B 427 -7.56 -19.19 37.52
N GLN B 428 -8.49 -20.14 37.65
CA GLN B 428 -8.35 -21.26 38.57
C GLN B 428 -7.08 -22.02 38.24
N THR B 429 -6.74 -22.03 36.95
CA THR B 429 -5.62 -22.81 36.42
C THR B 429 -4.30 -22.07 36.60
N LEU B 430 -4.30 -20.79 36.30
CA LEU B 430 -3.07 -20.01 36.40
C LEU B 430 -2.54 -20.01 37.82
N GLU B 431 -3.42 -19.71 38.78
CA GLU B 431 -3.02 -19.63 40.18
C GLU B 431 -2.54 -20.99 40.73
N SER B 432 -3.25 -22.06 40.36
CA SER B 432 -3.05 -23.38 40.97
C SER B 432 -2.27 -24.43 40.15
N ARG B 433 -2.05 -24.17 38.86
CA ARG B 433 -1.31 -25.07 37.98
C ARG B 433 -0.16 -24.34 37.31
N PRO B 434 1.06 -24.39 37.90
CA PRO B 434 2.19 -23.70 37.26
C PRO B 434 2.64 -24.47 36.02
N SER B 435 2.83 -23.76 34.90
CA SER B 435 3.15 -24.40 33.64
C SER B 435 4.60 -24.85 33.65
N ASN B 436 4.85 -25.98 33.01
CA ASN B 436 6.17 -26.61 32.97
C ASN B 436 6.65 -26.65 31.52
N PHE B 437 6.62 -25.49 30.86
CA PHE B 437 6.73 -25.40 29.38
C PHE B 437 8.08 -25.81 28.79
N HIS B 438 8.04 -26.56 27.71
CA HIS B 438 9.23 -26.86 26.93
C HIS B 438 8.89 -27.13 25.46
N VAL B 439 9.82 -26.74 24.60
CA VAL B 439 9.70 -27.03 23.16
C VAL B 439 9.64 -28.53 22.92
N LEU B 440 8.95 -28.93 21.87
CA LEU B 440 8.79 -30.34 21.57
C LEU B 440 10.09 -30.99 21.10
N TYR B 441 10.95 -30.23 20.43
CA TYR B 441 12.21 -30.77 19.90
C TYR B 441 13.40 -29.82 20.10
N ASN B 442 14.59 -30.39 20.00
CA ASN B 442 15.84 -29.64 20.04
C ASN B 442 16.25 -29.30 18.61
N LEU B 443 16.89 -28.14 18.46
CA LEU B 443 17.33 -27.66 17.14
C LEU B 443 18.47 -28.48 16.54
N ASP B 444 19.27 -29.10 17.40
CA ASP B 444 20.41 -29.90 16.94
C ASP B 444 20.06 -31.20 16.25
N LEU B 445 18.81 -31.63 16.39
CA LEU B 445 18.36 -32.80 15.66
C LEU B 445 18.54 -32.52 14.19
N SER B 446 18.52 -33.58 13.38
CA SER B 446 18.53 -33.40 11.95
C SER B 446 17.16 -32.96 11.51
N ILE B 447 17.04 -32.61 10.24
CA ILE B 447 15.77 -32.18 9.68
C ILE B 447 14.76 -33.33 9.68
N LYS B 448 15.18 -34.49 9.16
CA LYS B 448 14.33 -35.70 9.16
C LYS B 448 13.90 -36.10 10.58
N ASP B 449 14.83 -36.00 11.54
CA ASP B 449 14.54 -36.29 12.96
C ASP B 449 13.43 -35.38 13.50
N LYS B 450 13.52 -34.09 13.19
CA LYS B 450 12.54 -33.15 13.68
C LYS B 450 11.15 -33.44 13.10
N ILE B 451 11.13 -33.81 11.81
CA ILE B 451 9.87 -34.06 11.13
C ILE B 451 9.21 -35.32 11.65
N ALA B 452 10.04 -36.30 11.99
CA ALA B 452 9.59 -37.55 12.59
C ALA B 452 8.80 -37.27 13.88
N LYS B 453 9.49 -36.67 14.86
CA LYS B 453 8.92 -36.36 16.18
C LYS B 453 7.54 -35.70 16.03
N ILE B 454 7.48 -34.59 15.29
CA ILE B 454 6.19 -33.93 15.08
C ILE B 454 5.19 -34.88 14.45
N ALA B 455 5.59 -35.54 13.37
CA ALA B 455 4.68 -36.39 12.64
C ALA B 455 4.18 -37.54 13.50
N THR B 456 5.06 -38.08 14.36
CA THR B 456 4.69 -39.22 15.24
C THR B 456 4.06 -38.76 16.54
N GLU B 457 4.74 -37.88 17.28
CA GLU B 457 4.22 -37.37 18.56
C GLU B 457 2.93 -36.52 18.41
N ILE B 458 2.83 -35.70 17.36
CA ILE B 458 1.67 -34.77 17.21
C ILE B 458 0.54 -35.22 16.25
N TYR B 459 0.88 -35.69 15.05
CA TYR B 459 -0.14 -36.16 14.09
C TYR B 459 -0.56 -37.62 14.34
N GLY B 460 0.28 -38.40 15.01
CA GLY B 460 -0.01 -39.82 15.30
C GLY B 460 0.32 -40.73 14.14
N ALA B 461 1.28 -40.30 13.34
CA ALA B 461 1.69 -41.02 12.15
C ALA B 461 2.58 -42.19 12.56
N ASP B 462 2.50 -43.30 11.83
CA ASP B 462 3.45 -44.41 12.00
C ASP B 462 4.84 -43.96 11.59
N GLY B 463 4.90 -43.12 10.56
CA GLY B 463 6.16 -42.59 10.08
C GLY B 463 6.02 -41.70 8.85
N VAL B 464 7.16 -41.35 8.28
CA VAL B 464 7.26 -40.34 7.23
C VAL B 464 8.00 -40.91 6.01
N ASN B 465 7.49 -40.61 4.81
CA ASN B 465 8.12 -40.97 3.54
C ASN B 465 8.54 -39.74 2.74
N TYR B 466 9.70 -39.85 2.08
CA TYR B 466 10.29 -38.75 1.32
C TYR B 466 10.45 -39.08 -0.18
N THR B 467 10.14 -38.12 -1.04
CA THR B 467 10.39 -38.25 -2.48
C THR B 467 11.85 -38.02 -2.79
N ALA B 468 12.25 -38.33 -4.01
CA ALA B 468 13.64 -38.13 -4.44
C ALA B 468 14.01 -36.65 -4.44
N GLU B 469 13.08 -35.80 -4.84
CA GLU B 469 13.31 -34.35 -4.83
C GLU B 469 13.58 -33.89 -3.38
N ALA B 470 12.64 -34.20 -2.50
CA ALA B 470 12.72 -33.86 -1.08
C ALA B 470 14.00 -34.37 -0.42
N ASP B 471 14.42 -35.59 -0.79
CA ASP B 471 15.67 -36.13 -0.28
C ASP B 471 16.84 -35.30 -0.77
N LYS B 472 16.87 -35.05 -2.07
CA LYS B 472 17.92 -34.23 -2.68
C LYS B 472 17.91 -32.81 -2.09
N ALA B 473 16.71 -32.25 -1.89
CA ALA B 473 16.55 -30.89 -1.32
C ALA B 473 17.03 -30.74 0.12
N ILE B 474 16.73 -31.73 0.98
CA ILE B 474 17.20 -31.73 2.38
C ILE B 474 18.71 -31.93 2.46
N GLN B 475 19.22 -32.85 1.65
CA GLN B 475 20.66 -33.12 1.57
C GLN B 475 21.43 -31.86 1.16
N ARG B 476 20.81 -31.04 0.31
CA ARG B 476 21.40 -29.74 -0.09
C ARG B 476 21.36 -28.71 1.05
N TYR B 477 20.20 -28.53 1.68
CA TYR B 477 20.06 -27.50 2.73
C TYR B 477 20.97 -27.82 3.92
N GLU B 478 21.00 -29.08 4.34
CA GLU B 478 21.88 -29.47 5.44
C GLU B 478 23.34 -29.14 5.10
N SER B 479 23.72 -29.41 3.85
CA SER B 479 25.06 -29.14 3.30
C SER B 479 25.44 -27.65 3.19
N LEU B 480 24.43 -26.79 3.12
CA LEU B 480 24.67 -25.35 3.14
C LEU B 480 24.67 -24.81 4.57
N GLY B 481 24.37 -25.69 5.53
CA GLY B 481 24.31 -25.33 6.95
C GLY B 481 22.99 -24.71 7.38
N TYR B 482 21.88 -25.13 6.75
CA TYR B 482 20.57 -24.68 7.16
C TYR B 482 19.81 -25.80 7.91
N GLY B 483 20.56 -26.73 8.51
CA GLY B 483 20.00 -27.99 9.01
C GLY B 483 19.63 -28.06 10.47
N ASN B 484 19.96 -27.00 11.22
CA ASN B 484 19.67 -26.93 12.65
C ASN B 484 18.72 -25.77 12.92
N LEU B 485 17.74 -25.61 12.02
CA LEU B 485 16.63 -24.67 12.17
C LEU B 485 15.39 -25.44 12.64
N PRO B 486 14.30 -24.71 12.97
CA PRO B 486 13.01 -25.38 13.18
C PRO B 486 12.39 -25.80 11.87
N VAL B 487 11.21 -26.41 11.95
CA VAL B 487 10.55 -27.02 10.81
C VAL B 487 9.07 -26.63 10.81
N VAL B 488 8.57 -26.22 9.65
CA VAL B 488 7.22 -25.66 9.55
C VAL B 488 6.42 -26.47 8.55
N MET B 489 5.49 -27.27 9.07
CA MET B 489 4.89 -28.35 8.32
C MET B 489 3.72 -27.91 7.44
N ALA B 490 3.96 -27.85 6.13
CA ALA B 490 2.91 -27.53 5.15
C ALA B 490 2.09 -28.78 4.84
N LYS B 491 1.02 -28.93 5.60
CA LYS B 491 0.13 -30.07 5.54
C LYS B 491 -1.28 -29.51 5.38
N THR B 492 -2.22 -30.34 4.95
CA THR B 492 -3.62 -29.97 5.08
C THR B 492 -3.95 -29.70 6.55
N GLN B 493 -5.05 -28.99 6.77
CA GLN B 493 -5.52 -28.72 8.13
C GLN B 493 -6.71 -29.58 8.53
N TYR B 494 -7.45 -30.10 7.54
CA TYR B 494 -8.72 -30.80 7.82
C TYR B 494 -8.57 -32.24 8.35
N SER B 495 -7.34 -32.73 8.46
CA SER B 495 -7.05 -33.99 9.14
C SER B 495 -5.73 -33.97 9.89
N PHE B 496 -5.60 -34.85 10.88
CA PHE B 496 -4.30 -35.12 11.53
C PHE B 496 -3.28 -35.60 10.49
N SER B 497 -3.74 -36.39 9.51
CA SER B 497 -2.91 -36.87 8.40
C SER B 497 -2.73 -35.76 7.37
N ASP B 498 -2.27 -36.15 6.17
CA ASP B 498 -2.26 -35.24 5.02
C ASP B 498 -3.35 -35.61 4.01
N ASP B 499 -4.34 -36.38 4.48
CA ASP B 499 -5.51 -36.71 3.70
C ASP B 499 -6.69 -35.87 4.22
N MET B 500 -7.12 -34.91 3.43
CA MET B 500 -8.18 -33.98 3.86
C MET B 500 -9.49 -34.69 4.23
N THR B 501 -9.72 -35.87 3.66
CA THR B 501 -10.93 -36.63 3.94
C THR B 501 -10.81 -37.53 5.15
N LYS B 502 -9.61 -37.72 5.68
CA LYS B 502 -9.42 -38.59 6.84
C LYS B 502 -9.72 -37.87 8.15
N LEU B 503 -11.00 -37.61 8.41
CA LEU B 503 -11.39 -36.84 9.59
C LEU B 503 -10.96 -37.56 10.88
N GLY B 504 -10.35 -36.81 11.79
CA GLY B 504 -9.71 -37.33 13.01
C GLY B 504 -10.58 -38.28 13.80
N ARG B 505 -10.00 -39.29 14.48
CA ARG B 505 -8.54 -39.48 14.64
C ARG B 505 -8.11 -40.78 13.93
N PRO B 506 -7.45 -40.65 12.75
CA PRO B 506 -7.06 -41.82 11.98
C PRO B 506 -5.84 -42.49 12.60
N ARG B 507 -5.72 -43.80 12.39
CA ARG B 507 -4.55 -44.55 12.84
C ARG B 507 -4.04 -45.36 11.65
N ASN B 508 -2.85 -45.95 11.81
CA ASN B 508 -2.26 -46.80 10.78
C ASN B 508 -1.97 -46.06 9.49
N PHE B 509 -1.37 -44.88 9.59
CA PHE B 509 -1.08 -44.06 8.41
C PHE B 509 0.31 -43.46 8.49
N THR B 510 0.84 -43.07 7.35
CA THR B 510 2.16 -42.45 7.26
C THR B 510 2.03 -41.13 6.52
N ILE B 511 2.99 -40.24 6.77
CA ILE B 511 2.98 -38.90 6.19
C ILE B 511 4.01 -38.90 5.06
N THR B 512 3.72 -38.22 3.95
CA THR B 512 4.66 -38.18 2.83
C THR B 512 5.07 -36.72 2.54
N VAL B 513 6.38 -36.48 2.44
CA VAL B 513 6.93 -35.13 2.24
C VAL B 513 7.39 -34.96 0.80
N ARG B 514 6.62 -34.24 0.00
CA ARG B 514 6.85 -34.15 -1.44
C ARG B 514 7.89 -33.09 -1.88
N GLU B 515 7.94 -31.95 -1.18
CA GLU B 515 8.89 -30.87 -1.51
C GLU B 515 9.47 -30.25 -0.24
N VAL B 516 10.61 -29.59 -0.37
CA VAL B 516 11.19 -28.85 0.78
C VAL B 516 11.73 -27.46 0.37
N ARG B 517 11.02 -26.40 0.78
CA ARG B 517 11.45 -25.02 0.52
C ARG B 517 12.16 -24.43 1.76
N LEU B 518 12.88 -23.32 1.55
CA LEU B 518 13.67 -22.71 2.60
C LEU B 518 13.20 -21.29 2.83
N SER B 519 13.06 -20.94 4.10
CA SER B 519 12.88 -19.56 4.54
C SER B 519 14.02 -19.15 5.48
N ALA B 520 15.24 -19.01 4.95
CA ALA B 520 16.38 -18.53 5.77
C ALA B 520 16.06 -17.21 6.50
N GLY B 521 15.38 -16.27 5.84
CA GLY B 521 14.94 -15.04 6.48
C GLY B 521 14.15 -15.27 7.77
N ALA B 522 12.94 -15.81 7.65
CA ALA B 522 12.12 -16.13 8.84
C ALA B 522 12.87 -17.05 9.77
N GLY B 523 13.71 -17.89 9.17
CA GLY B 523 14.59 -18.75 9.91
C GLY B 523 13.98 -20.12 10.10
N PHE B 524 13.33 -20.66 9.09
CA PHE B 524 12.87 -22.04 9.20
C PHE B 524 12.82 -22.80 7.87
N ILE B 525 12.38 -24.06 7.96
CA ILE B 525 12.37 -25.03 6.88
C ILE B 525 10.94 -25.51 6.73
N VAL B 526 10.52 -25.71 5.48
CA VAL B 526 9.13 -25.96 5.19
C VAL B 526 8.97 -27.25 4.35
N PRO B 527 8.62 -28.36 5.01
CA PRO B 527 8.22 -29.56 4.29
C PRO B 527 6.80 -29.46 3.75
N ILE B 528 6.63 -29.72 2.46
CA ILE B 528 5.31 -29.75 1.85
C ILE B 528 4.87 -31.20 1.74
N THR B 529 3.58 -31.46 2.03
CA THR B 529 2.98 -32.80 1.90
C THR B 529 1.87 -32.84 0.84
N GLY B 530 1.09 -31.78 0.73
CA GLY B 530 0.12 -31.63 -0.38
C GLY B 530 0.53 -30.53 -1.35
N ALA B 531 -0.30 -30.26 -2.35
CA ALA B 531 -0.09 -29.08 -3.18
C ALA B 531 -0.56 -27.85 -2.38
N ILE B 532 0.29 -26.84 -2.22
CA ILE B 532 -0.07 -25.67 -1.40
C ILE B 532 -0.48 -24.46 -2.25
N MET B 533 -1.64 -23.89 -1.91
CA MET B 533 -2.22 -22.73 -2.62
C MET B 533 -1.70 -21.41 -2.03
N THR B 534 -0.76 -20.78 -2.73
CA THR B 534 -0.18 -19.52 -2.28
C THR B 534 -0.84 -18.29 -2.92
N MET B 535 -1.80 -18.53 -3.82
CA MET B 535 -2.52 -17.45 -4.48
C MET B 535 -3.91 -17.91 -4.94
N PRO B 536 -4.95 -17.75 -4.09
CA PRO B 536 -6.30 -18.15 -4.50
C PRO B 536 -6.92 -17.20 -5.53
N GLY B 537 -8.00 -17.64 -6.21
CA GLY B 537 -8.69 -16.85 -7.24
C GLY B 537 -10.13 -16.49 -6.89
N LEU B 538 -10.70 -15.56 -7.64
CA LEU B 538 -12.05 -15.07 -7.34
C LEU B 538 -13.09 -16.09 -7.79
N PRO B 539 -14.23 -16.18 -7.09
CA PRO B 539 -15.34 -17.04 -7.53
C PRO B 539 -16.07 -16.47 -8.74
N LYS B 540 -17.10 -17.16 -9.22
CA LYS B 540 -17.77 -16.70 -10.44
C LYS B 540 -18.41 -15.33 -10.29
N ARG B 541 -19.16 -15.10 -9.21
CA ARG B 541 -19.65 -13.76 -8.86
C ARG B 541 -18.87 -13.23 -7.67
N PRO B 542 -17.73 -12.57 -7.91
CA PRO B 542 -17.01 -12.00 -6.76
C PRO B 542 -17.85 -10.97 -5.98
N ALA B 543 -17.60 -10.86 -4.68
CA ALA B 543 -18.27 -9.85 -3.86
C ALA B 543 -18.10 -8.45 -4.41
N ALA B 544 -16.94 -8.19 -5.03
CA ALA B 544 -16.67 -6.88 -5.62
C ALA B 544 -17.86 -6.38 -6.45
N CYS B 545 -18.42 -7.27 -7.27
CA CYS B 545 -19.52 -6.94 -8.15
C CYS B 545 -20.72 -6.36 -7.40
N ASN B 546 -20.93 -6.77 -6.17
CA ASN B 546 -22.09 -6.35 -5.37
C ASN B 546 -21.73 -5.39 -4.23
N ILE B 547 -20.46 -5.01 -4.13
CA ILE B 547 -20.08 -4.02 -3.13
C ILE B 547 -20.44 -2.66 -3.65
N ASP B 548 -20.93 -1.77 -2.77
CA ASP B 548 -21.17 -0.39 -3.16
C ASP B 548 -20.98 0.60 -2.04
N ILE B 549 -20.96 1.90 -2.36
CA ILE B 549 -20.99 2.99 -1.35
C ILE B 549 -21.70 4.29 -1.83
N ASP B 550 -22.73 4.75 -1.13
CA ASP B 550 -23.46 5.93 -1.60
C ASP B 550 -22.97 7.31 -1.04
N ALA B 551 -23.58 8.38 -1.57
CA ALA B 551 -23.35 9.77 -1.11
C ALA B 551 -23.07 9.96 0.40
N ASP B 552 -23.89 9.32 1.24
CA ASP B 552 -23.75 9.39 2.70
C ASP B 552 -22.62 8.55 3.30
N GLY B 553 -21.82 7.89 2.46
CA GLY B 553 -20.72 7.05 2.96
C GLY B 553 -21.20 5.71 3.51
N VAL B 554 -22.47 5.39 3.23
CA VAL B 554 -23.07 4.11 3.63
C VAL B 554 -22.53 3.05 2.67
N ILE B 555 -21.92 2.01 3.24
CA ILE B 555 -21.35 0.89 2.47
C ILE B 555 -22.27 -0.33 2.46
N THR B 556 -22.28 -1.07 1.36
CA THR B 556 -23.09 -2.29 1.27
C THR B 556 -22.36 -3.38 0.49
N GLY B 557 -22.82 -4.62 0.68
CA GLY B 557 -22.23 -5.78 0.06
C GLY B 557 -20.84 -6.14 0.56
N LEU B 558 -20.33 -5.43 1.57
CA LEU B 558 -19.01 -5.74 2.13
C LEU B 558 -19.09 -6.86 3.19
N PHE B 559 -20.21 -6.91 3.91
CA PHE B 559 -20.41 -7.93 4.94
C PHE B 559 -21.73 -8.67 4.79
C1 ZD9 C . 20.08 25.18 -5.18
N2 ZD9 C . 20.48 26.53 -5.27
C3 ZD9 C . 19.51 27.50 -5.59
N4 ZD9 C . 18.26 27.16 -5.85
C5 ZD9 C . 17.87 25.88 -5.77
C6 ZD9 C . 18.76 24.86 -5.44
O7 ZD9 C . 20.91 24.32 -4.88
C8 ZD9 C . 18.32 23.53 -5.37
C9 ZD9 C . 16.98 23.26 -5.65
C10 ZD9 C . 16.12 24.28 -5.97
C11 ZD9 C . 16.54 25.59 -6.04
C12 ZD9 C . 16.35 22.04 -5.62
N13 ZD9 C . 16.73 21.28 -4.42
C14 ZD9 C . 15.96 20.07 -4.32
C15 ZD9 C . 15.33 19.02 -4.36
C16 ZD9 C . 14.72 17.67 -4.34
C38 ZD9 C . 14.81 23.94 -6.24
C39 ZD9 C . 19.85 28.82 -5.68
C XPO D . 12.02 21.79 -7.83
O XPO D . 12.16 22.52 -6.85
P XPO D . 10.71 21.41 -10.03
O1 XPO D . 9.37 21.49 -9.40
O2 XPO D . 11.58 22.30 -9.02
O3 XPO D . 11.28 20.05 -10.02
O4 XPO D . 10.87 22.16 -11.29
PB ADP E . 11.51 21.50 -10.15
O1B ADP E . 11.49 22.72 -11.06
O2B ADP E . 11.65 20.18 -10.89
O3B ADP E . 10.43 21.44 -9.07
PA ADP E . 13.28 21.87 -7.80
O1A ADP E . 12.20 22.58 -7.04
O2A ADP E . 13.87 20.59 -7.28
O3A ADP E . 12.93 21.74 -9.40
O5' ADP E . 14.56 22.81 -8.06
C5' ADP E . 15.59 22.29 -8.91
C4' ADP E . 16.47 21.48 -8.00
O4' ADP E . 17.59 22.30 -7.67
C3' ADP E . 15.70 21.16 -6.71
O3' ADP E . 15.92 19.84 -6.20
C2' ADP E . 16.19 22.20 -5.72
O2' ADP E . 16.41 21.61 -4.44
C1' ADP E . 17.48 22.78 -6.33
N9 ADP E . 17.44 24.26 -6.36
C8 ADP E . 16.40 25.04 -6.76
N7 ADP E . 16.71 26.36 -6.64
C5 ADP E . 17.97 26.43 -6.15
C6 ADP E . 18.91 27.49 -5.80
N6 ADP E . 18.58 28.80 -5.93
N1 ADP E . 20.12 27.12 -5.32
C2 ADP E . 20.48 25.84 -5.18
N3 ADP E . 19.67 24.82 -5.49
C4 ADP E . 18.44 25.05 -5.97
S SO4 F . 7.88 18.44 -12.21
O1 SO4 F . 7.16 17.13 -12.21
O2 SO4 F . 9.12 18.55 -11.36
O3 SO4 F . 8.30 18.76 -13.59
O4 SO4 F . 7.13 19.53 -11.56
S SO4 G . 15.45 2.37 -18.34
O1 SO4 G . 14.98 1.18 -19.10
O2 SO4 G . 15.12 2.23 -16.89
O3 SO4 G . 16.92 2.42 -18.50
O4 SO4 G . 14.72 3.62 -18.76
S SO4 H . -7.75 -19.73 11.35
O1 SO4 H . -7.25 -20.84 12.20
O2 SO4 H . -8.89 -19.04 12.01
O3 SO4 H . -6.59 -18.82 11.16
O4 SO4 H . -8.32 -20.23 10.08
S SO4 I . -9.04 -21.32 -8.27
O1 SO4 I . -10.51 -21.53 -8.18
O2 SO4 I . -8.40 -21.49 -6.92
O3 SO4 I . -8.47 -22.28 -9.25
O4 SO4 I . -8.79 -19.96 -8.77
#